data_4MB8
#
_entry.id   4MB8
#
_cell.length_a   143.778
_cell.length_b   143.778
_cell.length_c   138.870
_cell.angle_alpha   90.00
_cell.angle_beta   90.00
_cell.angle_gamma   120.00
#
_symmetry.space_group_name_H-M   'P 61'
#
loop_
_entity.id
_entity.type
_entity.pdbx_description
1 polymer Uricase
2 non-polymer 'ACETATE ION'
3 water water
#
_entity_poly.entity_id   1
_entity_poly.type   'polypeptide(L)'
_entity_poly.pdbx_seq_one_letter_code
;MAHYHNDYKKNDEVEFVRTGYGKDMVKVLHIQRDGKYHSIKEVATSVQLTLSSKKDYLHGDNSDIIPTDTIKNTVHVLAK
FKGIKSIEAFAMNICEHFLSSFNHVIRAQVYVEEVPWKRFEKNGVKHVHAFIHTPTGTHFCEVEQMKSGPPVIHSGIKDL
KVLKTTQSGFEGFIKDQFTTLPEVKDRCFATQVYCKWRYHQGRDVDFEATWDTVRDIVLKKFAGPYDKGEYSPSVQKTLY
DIQVLSLSRVPEIEDMEISLPNIHYFNIDMSKMGLINKEEVLLPLDNPYGKITGTVKRKLSSRL
;
_entity_poly.pdbx_strand_id   A,B,C,D
#
loop_
_chem_comp.id
_chem_comp.type
_chem_comp.name
_chem_comp.formula
ACT non-polymer 'ACETATE ION' 'C2 H3 O2 -1'
#
# COMPACT_ATOMS: atom_id res chain seq x y z
N VAL A 14 27.45 22.97 18.16
CA VAL A 14 26.43 22.10 17.56
C VAL A 14 25.96 20.94 18.47
N GLU A 15 26.84 20.02 18.80
CA GLU A 15 26.58 18.83 19.67
C GLU A 15 25.63 17.72 19.12
N PHE A 16 26.00 16.47 19.41
CA PHE A 16 25.21 15.30 19.03
C PHE A 16 24.25 14.85 20.10
N VAL A 17 23.06 14.39 19.68
CA VAL A 17 22.07 13.82 20.59
C VAL A 17 21.94 12.30 20.37
N ARG A 18 21.94 11.89 19.09
CA ARG A 18 21.77 10.48 18.70
C ARG A 18 22.39 10.22 17.34
N THR A 19 22.98 9.04 17.18
CA THR A 19 23.46 8.60 15.86
C THR A 19 23.10 7.13 15.70
N GLY A 20 22.99 6.68 14.47
CA GLY A 20 22.61 5.30 14.20
C GLY A 20 22.61 5.03 12.71
N TYR A 21 23.08 3.86 12.34
CA TYR A 21 23.10 3.47 10.95
C TYR A 21 22.95 1.95 10.95
N GLY A 22 22.44 1.40 9.86
CA GLY A 22 22.15 -0.02 9.85
C GLY A 22 21.54 -0.40 8.52
N LYS A 23 20.97 -1.60 8.49
CA LYS A 23 20.26 -2.11 7.35
C LYS A 23 18.84 -2.40 7.79
N ASP A 24 17.86 -1.97 7.01
CA ASP A 24 16.46 -2.34 7.27
C ASP A 24 15.94 -3.37 6.27
N MET A 25 14.92 -4.10 6.70
CA MET A 25 14.19 -5.03 5.85
C MET A 25 15.10 -6.11 5.31
N VAL A 26 15.95 -6.65 6.18
CA VAL A 26 16.66 -7.83 5.80
C VAL A 26 15.69 -8.99 6.00
N LYS A 27 15.29 -9.62 4.91
CA LYS A 27 14.35 -10.73 4.96
C LYS A 27 15.06 -12.07 4.87
N VAL A 28 14.60 -13.04 5.65
CA VAL A 28 15.18 -14.38 5.66
C VAL A 28 14.12 -15.43 5.88
N LEU A 29 14.21 -16.55 5.18
CA LEU A 29 13.44 -17.75 5.51
C LEU A 29 14.41 -18.84 6.00
N HIS A 30 14.23 -19.29 7.23
CA HIS A 30 15.00 -20.39 7.77
C HIS A 30 14.18 -21.66 7.69
N ILE A 31 14.78 -22.70 7.11
CA ILE A 31 14.13 -24.01 6.94
C ILE A 31 14.84 -25.14 7.69
N GLN A 32 14.10 -25.86 8.52
CA GLN A 32 14.65 -27.05 9.17
C GLN A 32 14.00 -28.34 8.65
N ARG A 33 14.81 -29.34 8.31
CA ARG A 33 14.27 -30.58 7.72
C ARG A 33 14.56 -31.82 8.54
N ASP A 34 13.52 -32.37 9.17
CA ASP A 34 13.59 -33.65 9.88
C ASP A 34 12.83 -34.70 9.09
N GLY A 35 13.46 -35.26 8.08
CA GLY A 35 12.77 -36.18 7.20
C GLY A 35 11.76 -35.48 6.31
N LYS A 36 10.49 -35.92 6.39
CA LYS A 36 9.44 -35.37 5.54
C LYS A 36 8.83 -34.13 6.19
N TYR A 37 9.20 -33.93 7.46
CA TYR A 37 8.61 -32.91 8.30
C TYR A 37 9.44 -31.60 8.40
N HIS A 38 9.04 -30.62 7.58
CA HIS A 38 9.76 -29.34 7.49
C HIS A 38 9.12 -28.29 8.35
N SER A 39 9.96 -27.46 8.94
CA SER A 39 9.55 -26.35 9.76
C SER A 39 10.19 -25.07 9.26
N ILE A 40 9.44 -23.97 9.28
CA ILE A 40 9.95 -22.70 8.79
C ILE A 40 9.79 -21.55 9.77
N LYS A 41 10.61 -20.54 9.55
CA LYS A 41 10.42 -19.23 10.15
C LYS A 41 10.93 -18.20 9.13
N GLU A 42 10.02 -17.33 8.67
CA GLU A 42 10.41 -16.20 7.82
C GLU A 42 10.30 -14.93 8.62
N VAL A 43 11.35 -14.13 8.62
CA VAL A 43 11.34 -12.87 9.34
C VAL A 43 11.78 -11.72 8.43
N ALA A 44 11.53 -10.50 8.89
CA ALA A 44 12.12 -9.30 8.34
C ALA A 44 12.81 -8.62 9.51
N THR A 45 14.05 -8.19 9.29
CA THR A 45 14.89 -7.75 10.39
C THR A 45 15.46 -6.38 10.14
N SER A 46 15.50 -5.56 11.17
CA SER A 46 16.22 -4.31 11.05
C SER A 46 17.25 -4.16 12.16
N VAL A 47 18.41 -3.63 11.80
CA VAL A 47 19.52 -3.53 12.72
C VAL A 47 20.11 -2.14 12.68
N GLN A 48 20.22 -1.53 13.85
CA GLN A 48 20.91 -0.24 13.95
C GLN A 48 22.07 -0.30 14.94
N LEU A 49 23.15 0.37 14.59
CA LEU A 49 24.35 0.43 15.41
C LEU A 49 24.72 1.87 15.66
N THR A 50 25.21 2.11 16.89
CA THR A 50 25.80 3.40 17.22
C THR A 50 27.29 3.24 17.43
N LEU A 51 28.08 4.10 16.79
CA LEU A 51 29.52 4.03 16.98
C LEU A 51 29.96 5.03 18.05
N SER A 52 31.08 4.72 18.69
CA SER A 52 31.65 5.65 19.65
C SER A 52 32.25 6.85 18.93
N SER A 53 32.98 6.61 17.84
CA SER A 53 33.51 7.71 17.05
C SER A 53 32.44 8.33 16.18
N LYS A 54 32.62 9.60 15.81
CA LYS A 54 31.64 10.32 15.02
C LYS A 54 32.32 10.94 13.82
N LYS A 55 33.55 10.49 13.55
CA LYS A 55 34.36 11.05 12.48
C LYS A 55 33.76 10.80 11.11
N ASP A 56 32.95 9.76 10.98
CA ASP A 56 32.19 9.51 9.76
C ASP A 56 31.26 10.69 9.43
N TYR A 57 30.56 11.18 10.44
CA TYR A 57 29.72 12.37 10.26
C TYR A 57 30.54 13.64 10.07
N LEU A 58 31.53 13.83 10.94
CA LEU A 58 32.30 15.08 10.96
C LEU A 58 33.19 15.30 9.75
N HIS A 59 33.91 14.27 9.31
CA HIS A 59 34.94 14.51 8.31
C HIS A 59 34.75 13.63 7.07
N GLY A 60 33.95 12.58 7.19
CA GLY A 60 33.73 11.67 6.06
C GLY A 60 34.65 10.47 6.13
N ASP A 61 35.18 10.23 7.32
CA ASP A 61 36.10 9.14 7.58
C ASP A 61 35.34 7.85 7.92
N ASN A 62 35.33 6.91 7.00
CA ASN A 62 34.56 5.70 7.18
C ASN A 62 35.33 4.56 7.88
N SER A 63 36.51 4.86 8.44
CA SER A 63 37.40 3.80 8.91
C SER A 63 36.83 3.01 10.09
N ASP A 64 35.78 3.52 10.73
CA ASP A 64 35.11 2.74 11.77
C ASP A 64 33.79 2.13 11.30
N ILE A 65 33.41 2.43 10.06
CA ILE A 65 32.13 1.98 9.54
C ILE A 65 32.18 0.49 9.20
N ILE A 66 31.33 -0.30 9.86
CA ILE A 66 31.00 -1.61 9.35
C ILE A 66 29.95 -1.45 8.27
N PRO A 67 30.27 -1.76 7.00
CA PRO A 67 29.31 -1.55 5.91
C PRO A 67 27.95 -2.18 6.20
N THR A 68 26.88 -1.48 5.80
CA THR A 68 25.53 -1.99 6.03
C THR A 68 25.38 -3.32 5.30
N ASP A 69 26.07 -3.47 4.17
CA ASP A 69 26.08 -4.75 3.48
C ASP A 69 26.64 -5.90 4.35
N THR A 70 27.61 -5.59 5.20
CA THR A 70 28.19 -6.57 6.11
C THR A 70 27.22 -6.89 7.24
N ILE A 71 26.50 -5.89 7.72
CA ILE A 71 25.42 -6.13 8.66
C ILE A 71 24.39 -7.10 8.06
N LYS A 72 23.96 -6.85 6.83
CA LYS A 72 23.06 -7.78 6.15
C LYS A 72 23.62 -9.21 6.06
N ASN A 73 24.86 -9.36 5.58
CA ASN A 73 25.50 -10.69 5.57
C ASN A 73 25.52 -11.37 6.94
N THR A 74 25.83 -10.59 7.96
CA THR A 74 25.88 -11.09 9.32
C THR A 74 24.52 -11.61 9.81
N VAL A 75 23.43 -10.91 9.48
CA VAL A 75 22.12 -11.43 9.83
C VAL A 75 21.89 -12.77 9.14
N HIS A 76 22.28 -12.86 7.87
CA HIS A 76 22.12 -14.12 7.12
C HIS A 76 22.96 -15.26 7.72
N VAL A 77 24.19 -14.94 8.10
CA VAL A 77 25.08 -15.96 8.66
C VAL A 77 24.56 -16.44 10.01
N LEU A 78 24.21 -15.50 10.90
CA LEU A 78 23.75 -15.82 12.24
C LEU A 78 22.49 -16.70 12.20
N ALA A 79 21.62 -16.45 11.24
CA ALA A 79 20.44 -17.28 11.07
C ALA A 79 20.83 -18.72 10.67
N LYS A 80 21.96 -18.85 9.97
CA LYS A 80 22.43 -20.17 9.55
C LYS A 80 23.08 -20.87 10.75
N PHE A 81 23.99 -20.18 11.42
CA PHE A 81 24.70 -20.76 12.56
C PHE A 81 23.80 -21.05 13.76
N LYS A 82 23.02 -20.06 14.21
CA LYS A 82 22.19 -20.24 15.41
C LYS A 82 20.73 -20.49 15.10
N GLY A 83 20.35 -20.44 13.83
CA GLY A 83 18.96 -20.64 13.50
C GLY A 83 18.14 -19.47 14.02
N ILE A 84 16.83 -19.65 14.11
CA ILE A 84 16.00 -18.58 14.64
C ILE A 84 15.28 -19.17 15.85
N LYS A 85 14.37 -20.13 15.65
CA LYS A 85 13.77 -20.78 16.82
C LYS A 85 12.83 -19.87 17.61
N SER A 86 13.41 -18.80 18.16
CA SER A 86 12.65 -17.67 18.69
C SER A 86 13.19 -16.35 18.09
N ILE A 87 12.28 -15.47 17.69
CA ILE A 87 12.66 -14.18 17.10
C ILE A 87 13.43 -13.30 18.08
N GLU A 88 13.08 -13.38 19.36
CA GLU A 88 13.80 -12.66 20.43
C GLU A 88 15.26 -13.15 20.59
N ALA A 89 15.43 -14.47 20.56
CA ALA A 89 16.76 -15.09 20.64
C ALA A 89 17.64 -14.58 19.52
N PHE A 90 17.06 -14.61 18.31
CA PHE A 90 17.74 -14.18 17.09
C PHE A 90 18.30 -12.76 17.25
N ALA A 91 17.43 -11.86 17.70
CA ALA A 91 17.81 -10.46 17.86
C ALA A 91 18.86 -10.27 18.95
N MET A 92 18.72 -11.03 20.05
CA MET A 92 19.75 -11.01 21.10
C MET A 92 21.08 -11.47 20.53
N ASN A 93 21.09 -12.61 19.85
CA ASN A 93 22.31 -13.07 19.16
C ASN A 93 22.89 -12.00 18.23
N ILE A 94 22.04 -11.34 17.46
CA ILE A 94 22.55 -10.29 16.57
C ILE A 94 23.20 -9.16 17.38
N CYS A 95 22.51 -8.69 18.42
CA CYS A 95 23.06 -7.66 19.33
C CYS A 95 24.38 -8.13 19.94
N GLU A 96 24.34 -9.35 20.45
CA GLU A 96 25.49 -9.92 21.14
C GLU A 96 26.66 -9.91 20.14
N HIS A 97 26.39 -10.29 18.89
CA HIS A 97 27.44 -10.37 17.89
C HIS A 97 28.13 -9.03 17.63
N PHE A 98 27.37 -7.95 17.50
CA PHE A 98 28.04 -6.70 17.13
C PHE A 98 28.71 -6.02 18.33
N LEU A 99 28.22 -6.30 19.53
CA LEU A 99 28.84 -5.75 20.72
C LEU A 99 30.14 -6.49 21.05
N SER A 100 30.18 -7.80 20.85
CA SER A 100 31.42 -8.56 21.07
C SER A 100 32.51 -8.26 20.04
N SER A 101 32.15 -8.22 18.77
CA SER A 101 33.14 -8.18 17.68
C SER A 101 33.77 -6.83 17.36
N PHE A 102 33.14 -5.75 17.80
CA PHE A 102 33.66 -4.42 17.46
C PHE A 102 33.63 -3.55 18.69
N ASN A 103 34.79 -3.12 19.18
CA ASN A 103 34.80 -2.45 20.47
C ASN A 103 34.27 -1.01 20.41
N HIS A 104 34.25 -0.41 19.23
CA HIS A 104 33.70 0.95 19.10
C HIS A 104 32.19 0.96 18.83
N VAL A 105 31.57 -0.22 18.83
CA VAL A 105 30.12 -0.32 18.79
C VAL A 105 29.58 -0.25 20.22
N ILE A 106 28.94 0.87 20.57
CA ILE A 106 28.47 1.10 21.96
C ILE A 106 27.00 0.78 22.17
N ARG A 107 26.22 0.70 21.09
CA ARG A 107 24.81 0.29 21.16
C ARG A 107 24.37 -0.47 19.92
N ALA A 108 23.58 -1.52 20.15
CA ALA A 108 22.95 -2.25 19.07
C ALA A 108 21.45 -2.34 19.27
N GLN A 109 20.69 -2.18 18.19
CA GLN A 109 19.25 -2.35 18.28
C GLN A 109 18.73 -3.18 17.11
N VAL A 110 17.90 -4.16 17.40
CA VAL A 110 17.38 -5.03 16.38
C VAL A 110 15.86 -5.14 16.48
N TYR A 111 15.17 -4.91 15.36
CA TYR A 111 13.74 -5.14 15.31
C TYR A 111 13.51 -6.32 14.39
N VAL A 112 12.64 -7.22 14.80
CA VAL A 112 12.32 -8.40 14.05
C VAL A 112 10.81 -8.58 13.97
N GLU A 113 10.30 -8.86 12.78
CA GLU A 113 8.90 -9.15 12.60
C GLU A 113 8.80 -10.51 11.91
N GLU A 114 7.95 -11.37 12.42
CA GLU A 114 7.82 -12.72 11.90
C GLU A 114 6.61 -12.82 10.97
N VAL A 115 6.82 -13.33 9.77
CA VAL A 115 5.72 -13.53 8.84
C VAL A 115 4.81 -14.59 9.44
N PRO A 116 3.50 -14.31 9.51
CA PRO A 116 2.56 -15.22 10.17
C PRO A 116 2.22 -16.45 9.34
N TRP A 117 3.21 -17.24 8.95
CA TRP A 117 2.93 -18.51 8.29
C TRP A 117 2.33 -19.52 9.27
N LYS A 118 1.35 -20.28 8.80
CA LYS A 118 0.79 -21.36 9.59
C LYS A 118 0.75 -22.64 8.80
N ARG A 119 1.15 -23.72 9.47
CA ARG A 119 1.06 -25.05 8.87
C ARG A 119 -0.35 -25.32 8.37
N PHE A 120 -0.50 -25.76 7.12
CA PHE A 120 -1.78 -26.25 6.60
C PHE A 120 -2.46 -27.13 7.62
N GLU A 121 -3.77 -27.01 7.74
CA GLU A 121 -4.47 -27.88 8.65
C GLU A 121 -5.85 -28.22 8.10
N LYS A 122 -6.16 -29.51 8.14
CA LYS A 122 -7.47 -29.98 7.70
C LYS A 122 -7.90 -31.21 8.50
N ASN A 123 -9.12 -31.16 9.01
CA ASN A 123 -9.70 -32.25 9.78
C ASN A 123 -8.80 -32.65 10.92
N GLY A 124 -8.09 -31.68 11.50
CA GLY A 124 -7.27 -31.94 12.67
C GLY A 124 -5.82 -32.36 12.46
N VAL A 125 -5.48 -32.70 11.22
CA VAL A 125 -4.10 -33.09 10.91
C VAL A 125 -3.25 -32.00 10.21
N LYS A 126 -2.08 -31.74 10.77
CA LYS A 126 -1.14 -30.77 10.21
C LYS A 126 -0.23 -31.34 9.09
N HIS A 127 -0.12 -30.60 7.97
CA HIS A 127 0.72 -30.97 6.82
C HIS A 127 2.21 -30.95 7.15
N VAL A 128 2.97 -31.85 6.52
CA VAL A 128 4.41 -31.97 6.84
C VAL A 128 5.24 -30.80 6.31
N HIS A 129 4.81 -30.19 5.21
CA HIS A 129 5.63 -29.13 4.60
C HIS A 129 4.88 -28.06 3.78
N ALA A 130 3.59 -27.86 4.05
CA ALA A 130 2.82 -26.81 3.40
C ALA A 130 2.33 -25.76 4.42
N PHE A 131 2.37 -24.47 4.02
CA PHE A 131 2.02 -23.39 4.94
C PHE A 131 1.14 -22.34 4.27
N ILE A 132 0.25 -21.74 5.06
CA ILE A 132 -0.66 -20.73 4.54
C ILE A 132 -0.50 -19.44 5.32
N HIS A 133 -0.46 -18.33 4.61
CA HIS A 133 -0.20 -17.04 5.27
C HIS A 133 -1.44 -16.63 6.06
N THR A 134 -1.30 -16.47 7.37
CA THR A 134 -2.46 -16.32 8.23
C THR A 134 -2.27 -15.20 9.24
N PRO A 135 -2.49 -13.95 8.81
CA PRO A 135 -2.22 -12.80 9.68
C PRO A 135 -3.36 -12.60 10.70
N THR A 136 -3.31 -13.39 11.77
CA THR A 136 -4.32 -13.36 12.83
C THR A 136 -3.65 -12.92 14.11
N GLY A 137 -2.72 -12.00 13.96
CA GLY A 137 -1.86 -11.59 15.05
C GLY A 137 -0.44 -11.92 14.61
N THR A 138 0.43 -10.92 14.66
CA THR A 138 1.77 -11.05 14.15
C THR A 138 2.78 -10.76 15.23
N HIS A 139 3.71 -11.69 15.38
CA HIS A 139 4.72 -11.61 16.41
C HIS A 139 5.87 -10.73 15.96
N PHE A 140 6.23 -9.74 16.78
CA PHE A 140 7.41 -8.94 16.51
C PHE A 140 8.18 -8.76 17.81
N CYS A 141 9.39 -8.24 17.73
CA CYS A 141 10.18 -8.01 18.92
C CYS A 141 11.20 -6.95 18.67
N GLU A 142 11.65 -6.33 19.74
CA GLU A 142 12.63 -5.28 19.66
C GLU A 142 13.60 -5.52 20.80
N VAL A 143 14.88 -5.64 20.48
CA VAL A 143 15.93 -5.84 21.46
C VAL A 143 16.94 -4.72 21.34
N GLU A 144 17.28 -4.12 22.47
CA GLU A 144 18.31 -3.10 22.50
C GLU A 144 19.35 -3.41 23.59
N GLN A 145 20.59 -3.08 23.33
CA GLN A 145 21.67 -3.44 24.24
C GLN A 145 22.80 -2.46 24.17
N MET A 146 23.18 -1.94 25.34
CA MET A 146 24.31 -1.04 25.44
C MET A 146 25.58 -1.83 25.66
N LYS A 147 26.71 -1.23 25.29
CA LYS A 147 27.99 -1.87 25.50
C LYS A 147 28.17 -2.19 26.98
N SER A 148 28.38 -3.47 27.27
CA SER A 148 28.65 -3.95 28.62
C SER A 148 27.44 -3.82 29.55
N GLY A 149 26.25 -3.69 28.98
CA GLY A 149 25.03 -3.79 29.74
C GLY A 149 24.26 -4.96 29.17
N PRO A 150 23.24 -5.44 29.89
CA PRO A 150 22.42 -6.53 29.34
C PRO A 150 21.47 -5.95 28.29
N PRO A 151 20.77 -6.85 27.57
CA PRO A 151 19.76 -6.56 26.57
C PRO A 151 18.37 -6.38 27.15
N VAL A 152 17.68 -5.33 26.71
CA VAL A 152 16.28 -5.16 27.01
C VAL A 152 15.43 -5.74 25.89
N ILE A 153 14.51 -6.63 26.24
CA ILE A 153 13.69 -7.32 25.27
C ILE A 153 12.21 -6.90 25.29
N HIS A 154 11.71 -6.39 24.17
CA HIS A 154 10.28 -6.24 23.97
C HIS A 154 9.76 -7.29 23.01
N SER A 155 8.59 -7.84 23.30
CA SER A 155 7.86 -8.64 22.34
C SER A 155 6.55 -7.90 22.07
N GLY A 156 5.77 -8.36 21.09
CA GLY A 156 4.58 -7.63 20.71
C GLY A 156 3.67 -8.38 19.77
N ILE A 157 2.42 -7.92 19.74
CA ILE A 157 1.42 -8.33 18.77
C ILE A 157 1.10 -7.11 17.90
N LYS A 158 0.92 -7.35 16.61
CA LYS A 158 0.45 -6.28 15.73
C LYS A 158 -0.43 -6.93 14.68
N ASP A 159 -1.15 -6.11 13.93
CA ASP A 159 -1.96 -6.58 12.79
C ASP A 159 -3.00 -7.64 13.14
N LEU A 160 -3.56 -7.57 14.35
CA LEU A 160 -4.64 -8.47 14.74
C LEU A 160 -5.96 -7.73 14.63
N LYS A 161 -6.75 -8.05 13.61
CA LYS A 161 -7.98 -7.30 13.36
C LYS A 161 -9.24 -8.09 13.75
N VAL A 162 -10.02 -7.47 14.64
CA VAL A 162 -11.20 -8.12 15.21
C VAL A 162 -12.40 -7.20 15.30
N LEU A 163 -13.59 -7.79 15.20
CA LEU A 163 -14.83 -7.05 15.19
C LEU A 163 -15.90 -7.81 16.00
N LYS A 164 -16.52 -7.17 16.97
CA LYS A 164 -17.69 -7.79 17.58
C LYS A 164 -18.91 -6.89 17.40
N THR A 165 -20.06 -7.51 17.15
CA THR A 165 -21.23 -6.77 16.72
C THR A 165 -22.12 -6.30 17.88
N THR A 166 -21.61 -6.41 19.09
CA THR A 166 -22.35 -6.00 20.27
C THR A 166 -21.54 -6.14 21.55
N GLN A 167 -22.23 -6.04 22.70
CA GLN A 167 -21.56 -6.04 23.99
C GLN A 167 -20.54 -4.91 24.09
N SER A 168 -20.84 -3.82 23.38
CA SER A 168 -20.06 -2.58 23.47
C SER A 168 -20.99 -1.39 23.47
N GLY A 169 -20.67 -0.40 24.31
CA GLY A 169 -21.43 0.82 24.39
C GLY A 169 -20.55 2.01 24.73
N PHE A 170 -21.07 3.21 24.54
CA PHE A 170 -20.32 4.41 24.86
C PHE A 170 -21.27 5.51 25.26
N GLU A 171 -21.21 5.87 26.54
CA GLU A 171 -22.14 6.83 27.10
C GLU A 171 -21.56 7.52 28.32
N GLY A 172 -22.25 8.55 28.78
CA GLY A 172 -21.87 9.26 29.98
C GLY A 172 -20.70 10.18 29.74
N PHE A 173 -20.51 10.55 28.49
CA PHE A 173 -19.37 11.41 28.16
C PHE A 173 -19.73 12.88 28.21
N ILE A 174 -18.71 13.73 28.19
CA ILE A 174 -18.89 15.18 28.11
C ILE A 174 -19.58 15.60 26.83
N LYS A 175 -20.58 16.47 26.94
CA LYS A 175 -21.27 17.00 25.77
C LYS A 175 -21.05 18.50 25.67
N ASP A 176 -20.03 18.95 24.94
CA ASP A 176 -19.82 20.38 24.76
C ASP A 176 -20.55 20.89 23.52
N GLN A 177 -20.17 22.07 23.05
CA GLN A 177 -20.89 22.74 21.98
C GLN A 177 -20.58 22.12 20.60
N PHE A 178 -19.63 21.18 20.60
CA PHE A 178 -19.20 20.54 19.37
C PHE A 178 -19.51 19.04 19.38
N THR A 179 -20.26 18.62 20.38
CA THR A 179 -20.59 17.22 20.55
C THR A 179 -21.94 16.88 19.93
N THR A 180 -21.90 16.14 18.82
CA THR A 180 -23.10 15.65 18.16
C THR A 180 -23.26 14.14 18.39
N LEU A 181 -22.29 13.53 19.05
CA LEU A 181 -22.32 12.09 19.27
C LEU A 181 -23.43 11.65 20.23
N PRO A 182 -24.46 10.95 19.71
CA PRO A 182 -25.46 10.38 20.63
C PRO A 182 -24.91 9.20 21.44
N GLU A 183 -25.31 9.12 22.70
CA GLU A 183 -24.95 8.00 23.58
C GLU A 183 -25.56 6.66 23.15
N VAL A 184 -24.87 5.56 23.46
CA VAL A 184 -25.34 4.24 23.05
C VAL A 184 -24.96 3.17 24.06
N LYS A 185 -25.81 2.15 24.10
CA LYS A 185 -25.61 1.01 24.98
C LYS A 185 -25.16 -0.17 24.12
N ASP A 186 -25.41 -0.04 22.81
CA ASP A 186 -24.95 -1.01 21.82
C ASP A 186 -24.24 -0.36 20.61
N ARG A 187 -23.10 -0.95 20.22
CA ARG A 187 -22.37 -0.55 19.01
C ARG A 187 -21.41 -1.67 18.57
N CYS A 188 -20.97 -1.61 17.31
CA CYS A 188 -19.88 -2.45 16.85
C CYS A 188 -18.60 -2.00 17.48
N PHE A 189 -17.77 -2.94 17.88
CA PHE A 189 -16.41 -2.60 18.27
C PHE A 189 -15.46 -3.36 17.34
N ALA A 190 -14.68 -2.60 16.56
CA ALA A 190 -13.66 -3.19 15.69
C ALA A 190 -12.33 -2.50 15.92
N THR A 191 -11.25 -3.27 15.92
CA THR A 191 -9.94 -2.69 16.21
C THR A 191 -8.83 -3.50 15.56
N GLN A 192 -7.63 -2.94 15.59
CA GLN A 192 -6.46 -3.65 15.15
C GLN A 192 -5.43 -3.56 16.26
N VAL A 193 -5.21 -4.66 16.95
CA VAL A 193 -4.40 -4.59 18.16
C VAL A 193 -2.90 -4.34 17.91
N TYR A 194 -2.37 -3.38 18.64
CA TYR A 194 -0.95 -3.24 18.80
C TYR A 194 -0.62 -3.33 20.27
N CYS A 195 0.21 -4.30 20.62
CA CYS A 195 0.46 -4.60 22.00
C CYS A 195 1.94 -4.96 22.12
N LYS A 196 2.68 -4.17 22.89
CA LYS A 196 4.11 -4.33 23.05
C LYS A 196 4.51 -4.38 24.54
N TRP A 197 5.16 -5.45 24.97
CA TRP A 197 5.51 -5.57 26.38
C TRP A 197 7.01 -5.77 26.64
N ARG A 198 7.53 -5.13 27.68
CA ARG A 198 8.93 -5.31 28.09
C ARG A 198 9.09 -6.46 29.08
N TYR A 199 10.24 -7.15 29.04
CA TYR A 199 10.50 -8.20 30.02
C TYR A 199 11.39 -7.67 31.13
N HIS A 200 11.28 -8.30 32.30
CA HIS A 200 12.04 -7.89 33.49
C HIS A 200 13.55 -8.07 33.38
N GLN A 201 13.98 -9.32 33.47
CA GLN A 201 15.39 -9.67 33.62
C GLN A 201 15.45 -11.07 34.20
N GLY A 202 16.66 -11.50 34.57
CA GLY A 202 16.86 -12.85 35.09
C GLY A 202 16.01 -13.84 34.33
N ARG A 203 15.84 -13.56 33.03
CA ARG A 203 15.05 -14.33 32.07
C ARG A 203 14.07 -15.39 32.59
N ASP A 204 14.19 -16.53 31.91
CA ASP A 204 13.46 -17.77 32.15
C ASP A 204 12.11 -17.65 31.46
N VAL A 205 12.13 -17.10 30.25
CA VAL A 205 10.92 -16.88 29.49
C VAL A 205 10.99 -17.76 28.24
N ASP A 206 9.88 -18.40 27.92
CA ASP A 206 9.72 -19.22 26.72
C ASP A 206 9.53 -18.34 25.46
N PHE A 207 9.13 -17.09 25.67
CA PHE A 207 8.87 -16.14 24.56
C PHE A 207 7.73 -16.53 23.63
N GLU A 208 7.79 -17.72 23.05
CA GLU A 208 6.75 -18.18 22.13
C GLU A 208 5.46 -18.52 22.85
N ALA A 209 5.62 -19.08 24.04
CA ALA A 209 4.49 -19.46 24.89
C ALA A 209 3.85 -18.21 25.49
N THR A 210 4.68 -17.27 25.92
CA THR A 210 4.19 -16.00 26.41
C THR A 210 3.32 -15.33 25.36
N TRP A 211 3.87 -15.24 24.15
CA TRP A 211 3.22 -14.54 23.07
C TRP A 211 1.84 -15.12 22.84
N ASP A 212 1.77 -16.44 22.77
CA ASP A 212 0.51 -17.15 22.59
C ASP A 212 -0.47 -16.80 23.72
N THR A 213 0.10 -16.53 24.89
CA THR A 213 -0.68 -16.28 26.09
C THR A 213 -1.28 -14.87 26.13
N VAL A 214 -0.45 -13.87 25.93
CA VAL A 214 -0.98 -12.52 25.81
C VAL A 214 -2.05 -12.47 24.71
N ARG A 215 -1.78 -13.12 23.58
CA ARG A 215 -2.76 -13.13 22.50
C ARG A 215 -4.07 -13.77 22.94
N ASP A 216 -3.97 -14.83 23.74
CA ASP A 216 -5.14 -15.54 24.20
C ASP A 216 -5.97 -14.63 25.09
N ILE A 217 -5.28 -13.91 25.98
CA ILE A 217 -5.85 -12.92 26.86
C ILE A 217 -6.50 -11.74 26.15
N VAL A 218 -5.73 -11.04 25.32
CA VAL A 218 -6.25 -9.95 24.50
C VAL A 218 -7.58 -10.33 23.89
N LEU A 219 -7.62 -11.50 23.25
CA LEU A 219 -8.84 -11.94 22.61
C LEU A 219 -9.94 -12.31 23.61
N LYS A 220 -9.53 -12.63 24.84
CA LYS A 220 -10.47 -12.91 25.93
C LYS A 220 -11.17 -11.64 26.39
N LYS A 221 -10.38 -10.64 26.78
CA LYS A 221 -10.91 -9.35 27.25
C LYS A 221 -11.74 -8.64 26.23
N PHE A 222 -11.51 -8.98 24.98
CA PHE A 222 -12.17 -8.29 23.90
C PHE A 222 -13.50 -8.92 23.59
N ALA A 223 -13.53 -10.24 23.59
CA ALA A 223 -14.73 -10.93 23.14
C ALA A 223 -15.49 -11.64 24.27
N GLY A 224 -14.80 -11.86 25.39
CA GLY A 224 -15.37 -12.56 26.53
C GLY A 224 -15.93 -13.94 26.22
N PRO A 225 -16.64 -14.52 27.20
CA PRO A 225 -17.25 -15.84 27.11
C PRO A 225 -17.97 -16.05 25.78
N TYR A 226 -17.79 -17.23 25.20
CA TYR A 226 -18.29 -17.54 23.86
C TYR A 226 -19.80 -17.67 23.72
N ASP A 227 -20.50 -17.68 24.84
CA ASP A 227 -21.96 -17.84 24.82
C ASP A 227 -22.67 -16.52 25.05
N LYS A 228 -22.08 -15.67 25.90
CA LYS A 228 -22.76 -14.48 26.38
C LYS A 228 -21.99 -13.27 25.88
N GLY A 229 -20.67 -13.36 25.95
CA GLY A 229 -19.84 -12.27 25.49
C GLY A 229 -19.68 -11.44 26.73
N GLU A 230 -19.13 -10.25 26.59
CA GLU A 230 -19.00 -9.39 27.76
C GLU A 230 -19.03 -7.93 27.37
N TYR A 231 -19.91 -7.18 28.05
CA TYR A 231 -20.07 -5.77 27.75
C TYR A 231 -18.84 -4.97 28.17
N SER A 232 -18.38 -4.11 27.27
CA SER A 232 -17.34 -3.12 27.56
C SER A 232 -17.92 -1.73 27.38
N PRO A 233 -17.78 -0.88 28.40
CA PRO A 233 -18.36 0.46 28.42
C PRO A 233 -17.40 1.46 27.82
N SER A 234 -16.21 0.99 27.44
CA SER A 234 -15.16 1.87 26.98
C SER A 234 -14.01 1.10 26.35
N VAL A 235 -13.44 1.66 25.31
CA VAL A 235 -12.23 1.09 24.75
C VAL A 235 -11.12 1.20 25.80
N GLN A 236 -11.07 2.30 26.55
CA GLN A 236 -10.06 2.49 27.61
C GLN A 236 -10.06 1.39 28.66
N LYS A 237 -11.25 0.94 29.03
CA LYS A 237 -11.40 -0.09 30.05
C LYS A 237 -10.89 -1.43 29.53
N THR A 238 -11.35 -1.78 28.33
CA THR A 238 -10.92 -3.00 27.67
C THR A 238 -9.39 -3.04 27.55
N LEU A 239 -8.80 -1.90 27.23
CA LEU A 239 -7.35 -1.79 27.15
C LEU A 239 -6.66 -2.09 28.48
N TYR A 240 -7.08 -1.37 29.52
CA TYR A 240 -6.48 -1.52 30.85
C TYR A 240 -6.64 -2.93 31.45
N ASP A 241 -7.80 -3.53 31.21
CA ASP A 241 -8.08 -4.89 31.67
C ASP A 241 -7.07 -5.86 31.11
N ILE A 242 -6.85 -5.77 29.81
CA ILE A 242 -5.88 -6.62 29.13
C ILE A 242 -4.52 -6.48 29.79
N GLN A 243 -4.11 -5.24 30.01
CA GLN A 243 -2.87 -4.96 30.70
C GLN A 243 -2.77 -5.57 32.09
N VAL A 244 -3.82 -5.43 32.91
CA VAL A 244 -3.73 -5.94 34.27
C VAL A 244 -3.69 -7.46 34.25
N LEU A 245 -4.57 -8.05 33.47
CA LEU A 245 -4.61 -9.49 33.41
C LEU A 245 -3.32 -10.10 32.80
N SER A 246 -2.54 -9.29 32.07
CA SER A 246 -1.37 -9.82 31.40
C SER A 246 -0.19 -9.80 32.36
N LEU A 247 -0.03 -8.70 33.10
CA LEU A 247 1.00 -8.64 34.12
C LEU A 247 0.72 -9.62 35.29
N SER A 248 -0.53 -10.05 35.43
CA SER A 248 -0.89 -11.02 36.47
C SER A 248 -0.50 -12.45 36.07
N ARG A 249 -1.07 -12.90 34.96
CA ARG A 249 -0.84 -14.24 34.46
C ARG A 249 0.61 -14.46 33.99
N VAL A 250 1.40 -13.40 33.91
CA VAL A 250 2.75 -13.47 33.35
C VAL A 250 3.73 -12.60 34.11
N PRO A 251 4.44 -13.19 35.06
CA PRO A 251 5.30 -12.52 36.06
C PRO A 251 6.52 -11.80 35.48
N GLU A 252 7.10 -12.35 34.42
CA GLU A 252 8.35 -11.82 33.87
C GLU A 252 8.18 -10.53 33.05
N ILE A 253 6.94 -10.23 32.66
CA ILE A 253 6.64 -8.95 32.00
C ILE A 253 6.69 -7.78 32.97
N GLU A 254 7.44 -6.75 32.61
CA GLU A 254 7.65 -5.56 33.44
C GLU A 254 6.76 -4.38 33.05
N ASP A 255 6.40 -4.24 31.78
CA ASP A 255 5.38 -3.27 31.37
C ASP A 255 4.69 -3.64 30.07
N MET A 256 3.60 -2.94 29.78
CA MET A 256 2.87 -3.21 28.57
C MET A 256 2.33 -1.92 27.99
N GLU A 257 2.60 -1.72 26.70
CA GLU A 257 2.03 -0.62 25.94
C GLU A 257 0.98 -1.19 25.02
N ILE A 258 -0.20 -0.57 24.99
CA ILE A 258 -1.24 -0.98 24.06
C ILE A 258 -1.76 0.20 23.28
N SER A 259 -2.18 -0.07 22.05
CA SER A 259 -2.72 0.96 21.18
C SER A 259 -3.89 0.32 20.44
N LEU A 260 -5.09 0.82 20.70
CA LEU A 260 -6.27 0.30 20.06
C LEU A 260 -6.96 1.33 19.18
N PRO A 261 -6.87 1.17 17.86
CA PRO A 261 -7.75 1.97 17.00
C PRO A 261 -9.19 1.63 17.31
N ASN A 262 -10.07 2.59 17.16
CA ASN A 262 -11.51 2.31 17.20
C ASN A 262 -12.00 2.53 15.79
N ILE A 263 -12.11 1.45 15.05
CA ILE A 263 -12.44 1.51 13.63
C ILE A 263 -13.93 1.49 13.43
N HIS A 264 -14.46 2.56 12.84
CA HIS A 264 -15.88 2.84 12.91
C HIS A 264 -16.72 2.15 11.88
N TYR A 265 -17.82 1.60 12.34
CA TYR A 265 -18.85 1.07 11.48
C TYR A 265 -20.13 1.82 11.87
N PHE A 266 -20.47 2.85 11.10
CA PHE A 266 -21.57 3.72 11.49
C PHE A 266 -22.85 3.28 10.82
N ASN A 267 -23.94 3.36 11.57
CA ASN A 267 -25.27 3.11 11.03
C ASN A 267 -25.57 4.07 9.89
N ILE A 268 -26.02 3.52 8.78
CA ILE A 268 -26.37 4.32 7.62
C ILE A 268 -27.80 4.86 7.74
N ASP A 269 -27.92 6.17 7.93
CA ASP A 269 -29.23 6.83 8.08
C ASP A 269 -29.98 6.87 6.75
N MET A 270 -31.10 6.17 6.66
CA MET A 270 -31.84 6.15 5.40
C MET A 270 -33.12 6.98 5.45
N SER A 271 -33.27 7.78 6.51
CA SER A 271 -34.41 8.67 6.70
C SER A 271 -34.78 9.39 5.45
N LYS A 272 -33.79 10.06 4.88
CA LYS A 272 -33.95 10.86 3.69
C LYS A 272 -34.53 10.06 2.54
N MET A 273 -34.59 8.74 2.71
CA MET A 273 -35.18 7.88 1.68
C MET A 273 -36.49 7.28 2.16
N GLY A 274 -36.88 7.65 3.38
CA GLY A 274 -38.11 7.17 3.95
C GLY A 274 -37.94 5.76 4.47
N LEU A 275 -36.73 5.40 4.87
CA LEU A 275 -36.44 4.05 5.37
C LEU A 275 -35.89 4.09 6.79
N ILE A 276 -36.04 2.99 7.53
CA ILE A 276 -35.51 2.83 8.87
C ILE A 276 -34.44 1.74 8.94
N ASN A 277 -33.21 2.12 9.21
CA ASN A 277 -32.14 1.13 9.24
C ASN A 277 -31.87 0.69 10.66
N LYS A 278 -31.14 1.50 11.43
CA LYS A 278 -30.67 1.13 12.77
C LYS A 278 -31.06 -0.29 13.23
N GLU A 279 -30.16 -1.26 13.09
CA GLU A 279 -28.83 -1.04 12.52
C GLU A 279 -28.26 -2.32 11.86
N GLU A 280 -28.70 -2.57 10.63
CA GLU A 280 -28.46 -3.80 9.92
C GLU A 280 -27.46 -3.59 8.79
N VAL A 281 -27.46 -2.38 8.25
CA VAL A 281 -26.51 -1.99 7.24
C VAL A 281 -25.63 -0.91 7.87
N LEU A 282 -24.33 -1.20 7.97
CA LEU A 282 -23.37 -0.25 8.52
C LEU A 282 -22.30 0.17 7.48
N LEU A 283 -21.78 1.38 7.65
CA LEU A 283 -20.71 1.87 6.80
C LEU A 283 -19.38 1.67 7.51
N PRO A 284 -18.50 0.80 6.98
CA PRO A 284 -17.10 0.72 7.42
C PRO A 284 -16.30 1.92 6.93
N LEU A 285 -15.74 2.72 7.84
CA LEU A 285 -14.92 3.88 7.49
C LEU A 285 -13.46 3.55 7.62
N ASP A 286 -12.70 3.82 6.56
CA ASP A 286 -11.22 3.74 6.61
C ASP A 286 -10.65 4.85 7.51
N ASN A 287 -11.27 6.02 7.47
CA ASN A 287 -10.88 7.10 8.33
C ASN A 287 -11.98 8.13 8.47
N PRO A 288 -11.91 8.93 9.51
CA PRO A 288 -10.90 8.81 10.56
C PRO A 288 -11.20 7.62 11.48
N TYR A 289 -10.38 7.43 12.49
CA TYR A 289 -10.68 6.43 13.50
C TYR A 289 -10.19 6.89 14.85
N GLY A 290 -10.83 6.42 15.91
CA GLY A 290 -10.34 6.72 17.24
C GLY A 290 -9.06 5.95 17.50
N LYS A 291 -8.24 6.46 18.40
CA LYS A 291 -7.04 5.76 18.83
C LYS A 291 -6.84 5.91 20.33
N ILE A 292 -7.07 4.81 21.04
CA ILE A 292 -6.94 4.76 22.50
C ILE A 292 -5.63 4.08 22.88
N THR A 293 -4.77 4.77 23.61
CA THR A 293 -3.48 4.17 23.96
C THR A 293 -3.20 4.24 25.46
N GLY A 294 -2.36 3.33 25.95
CA GLY A 294 -1.86 3.41 27.31
C GLY A 294 -0.73 2.45 27.63
N THR A 295 0.16 2.87 28.51
CA THR A 295 1.24 2.02 29.01
C THR A 295 1.24 1.94 30.54
N VAL A 296 1.08 0.74 31.07
CA VAL A 296 1.24 0.51 32.51
C VAL A 296 2.48 -0.34 32.82
N LYS A 297 3.09 -0.11 33.99
CA LYS A 297 4.20 -0.94 34.50
C LYS A 297 3.96 -1.48 35.91
N ARG A 298 4.96 -2.16 36.45
CA ARG A 298 4.87 -2.75 37.77
C ARG A 298 5.53 -1.79 38.75
N VAL B 14 0.78 -2.68 39.62
CA VAL B 14 0.46 -2.05 38.34
C VAL B 14 0.03 -0.60 38.47
N GLU B 15 0.66 0.23 37.66
CA GLU B 15 0.48 1.68 37.65
C GLU B 15 0.74 2.27 36.27
N PHE B 16 0.13 3.42 36.00
CA PHE B 16 0.16 4.03 34.67
C PHE B 16 1.49 4.70 34.42
N VAL B 17 1.94 4.62 33.17
CA VAL B 17 3.19 5.25 32.74
C VAL B 17 2.85 6.43 31.83
N ARG B 18 1.93 6.20 30.90
CA ARG B 18 1.44 7.23 29.99
C ARG B 18 0.10 6.79 29.40
N THR B 19 -0.79 7.75 29.19
CA THR B 19 -2.08 7.49 28.52
C THR B 19 -2.38 8.58 27.51
N GLY B 20 -3.25 8.26 26.56
CA GLY B 20 -3.57 9.19 25.50
C GLY B 20 -4.64 8.57 24.65
N TYR B 21 -5.54 9.40 24.15
CA TYR B 21 -6.62 8.92 23.30
C TYR B 21 -6.95 10.08 22.38
N GLY B 22 -7.55 9.80 21.22
CA GLY B 22 -7.77 10.85 20.25
C GLY B 22 -8.40 10.32 18.98
N LYS B 23 -8.37 11.13 17.94
CA LYS B 23 -8.83 10.73 16.62
C LYS B 23 -7.64 10.86 15.65
N ASP B 24 -7.48 9.83 14.80
CA ASP B 24 -6.46 9.87 13.75
C ASP B 24 -7.07 10.04 12.37
N MET B 25 -6.27 10.58 11.46
CA MET B 25 -6.63 10.63 10.06
C MET B 25 -7.90 11.42 9.82
N VAL B 26 -7.99 12.54 10.54
CA VAL B 26 -9.02 13.52 10.26
C VAL B 26 -8.57 14.30 9.03
N LYS B 27 -9.25 14.07 7.92
CA LYS B 27 -8.85 14.74 6.69
C LYS B 27 -9.74 15.95 6.44
N VAL B 28 -9.15 17.04 5.98
CA VAL B 28 -9.85 18.29 5.73
C VAL B 28 -9.30 18.96 4.49
N LEU B 29 -10.17 19.47 3.64
CA LEU B 29 -9.71 20.36 2.59
C LEU B 29 -10.23 21.79 2.88
N HIS B 30 -9.34 22.74 3.09
CA HIS B 30 -9.78 24.11 3.32
C HIS B 30 -9.71 24.90 2.02
N ILE B 31 -10.82 25.52 1.64
CA ILE B 31 -10.86 26.33 0.43
C ILE B 31 -11.16 27.78 0.75
N GLN B 32 -10.21 28.65 0.43
CA GLN B 32 -10.41 30.09 0.54
C GLN B 32 -10.52 30.73 -0.83
N ARG B 33 -11.51 31.58 -0.98
CA ARG B 33 -11.78 32.18 -2.27
C ARG B 33 -11.61 33.69 -2.18
N ASP B 34 -10.53 34.18 -2.78
CA ASP B 34 -10.30 35.62 -2.86
C ASP B 34 -10.65 36.03 -4.28
N GLY B 35 -11.96 36.23 -4.48
CA GLY B 35 -12.48 36.51 -5.81
C GLY B 35 -12.38 35.26 -6.65
N LYS B 36 -11.67 35.39 -7.76
CA LYS B 36 -11.49 34.33 -8.75
C LYS B 36 -10.28 33.44 -8.41
N TYR B 37 -9.50 33.89 -7.42
CA TYR B 37 -8.27 33.22 -7.03
C TYR B 37 -8.48 32.30 -5.83
N HIS B 38 -8.56 30.99 -6.07
CA HIS B 38 -8.79 30.03 -4.98
C HIS B 38 -7.51 29.45 -4.42
N SER B 39 -7.47 29.32 -3.11
CA SER B 39 -6.35 28.76 -2.40
C SER B 39 -6.81 27.61 -1.51
N ILE B 40 -6.05 26.53 -1.49
CA ILE B 40 -6.43 25.34 -0.74
C ILE B 40 -5.33 24.86 0.16
N LYS B 41 -5.72 24.11 1.17
CA LYS B 41 -4.77 23.34 1.91
C LYS B 41 -5.51 22.09 2.35
N GLU B 42 -5.06 20.94 1.87
CA GLU B 42 -5.61 19.69 2.34
C GLU B 42 -4.60 19.11 3.32
N VAL B 43 -5.10 18.70 4.47
CA VAL B 43 -4.27 18.13 5.49
C VAL B 43 -4.90 16.84 5.99
N ALA B 44 -4.10 16.06 6.69
CA ALA B 44 -4.60 14.94 7.46
C ALA B 44 -4.09 15.17 8.84
N THR B 45 -4.96 15.04 9.83
CA THR B 45 -4.65 15.45 11.19
C THR B 45 -4.88 14.38 12.23
N SER B 46 -3.98 14.30 13.22
CA SER B 46 -4.22 13.44 14.37
C SER B 46 -4.00 14.20 15.65
N VAL B 47 -4.87 13.95 16.61
CA VAL B 47 -4.87 14.66 17.85
C VAL B 47 -4.95 13.67 18.99
N GLN B 48 -4.05 13.80 19.95
CA GLN B 48 -4.12 12.99 21.17
C GLN B 48 -4.20 13.87 22.43
N LEU B 49 -4.96 13.40 23.42
CA LEU B 49 -5.12 14.11 24.69
C LEU B 49 -4.81 13.17 25.81
N THR B 50 -4.19 13.67 26.87
CA THR B 50 -4.09 12.88 28.09
C THR B 50 -4.94 13.51 29.20
N LEU B 51 -5.78 12.71 29.85
CA LEU B 51 -6.62 13.22 30.95
C LEU B 51 -5.99 12.95 32.35
N SER B 52 -6.34 13.77 33.35
CA SER B 52 -5.88 13.55 34.73
C SER B 52 -6.56 12.35 35.40
N SER B 53 -7.87 12.23 35.23
CA SER B 53 -8.56 11.07 35.76
C SER B 53 -8.26 9.83 34.91
N LYS B 54 -8.34 8.66 35.52
CA LYS B 54 -8.11 7.36 34.87
C LYS B 54 -9.27 6.41 35.08
N LYS B 55 -10.39 6.94 35.55
CA LYS B 55 -11.58 6.15 35.88
C LYS B 55 -12.19 5.56 34.62
N ASP B 56 -11.94 6.20 33.48
CA ASP B 56 -12.30 5.62 32.18
C ASP B 56 -11.53 4.30 32.00
N TYR B 57 -10.22 4.32 32.28
CA TYR B 57 -9.41 3.09 32.24
C TYR B 57 -9.73 2.13 33.38
N LEU B 58 -9.79 2.65 34.61
CA LEU B 58 -9.97 1.79 35.78
C LEU B 58 -11.37 1.17 35.88
N HIS B 59 -12.41 1.95 35.61
CA HIS B 59 -13.76 1.47 35.93
C HIS B 59 -14.78 1.49 34.80
N GLY B 60 -14.48 2.22 33.72
CA GLY B 60 -15.41 2.30 32.60
C GLY B 60 -16.26 3.55 32.72
N ASP B 61 -15.77 4.48 33.52
CA ASP B 61 -16.43 5.74 33.78
C ASP B 61 -16.01 6.76 32.72
N ASN B 62 -16.90 7.01 31.76
CA ASN B 62 -16.61 7.89 30.62
C ASN B 62 -16.94 9.36 30.86
N SER B 63 -17.25 9.67 32.11
CA SER B 63 -17.77 10.99 32.49
C SER B 63 -16.78 12.13 32.26
N ASP B 64 -15.51 11.82 32.04
CA ASP B 64 -14.51 12.88 31.75
C ASP B 64 -14.05 12.91 30.28
N ILE B 65 -14.57 12.00 29.48
CA ILE B 65 -14.13 11.85 28.09
C ILE B 65 -14.78 12.86 27.14
N ILE B 66 -13.95 13.63 26.44
CA ILE B 66 -14.41 14.33 25.25
C ILE B 66 -14.43 13.29 24.13
N PRO B 67 -15.63 12.97 23.59
CA PRO B 67 -15.69 11.93 22.54
C PRO B 67 -14.78 12.26 21.38
N THR B 68 -14.13 11.24 20.82
CA THR B 68 -13.22 11.46 19.70
C THR B 68 -14.00 12.06 18.52
N ASP B 69 -15.27 11.71 18.38
CA ASP B 69 -16.10 12.39 17.40
C ASP B 69 -16.14 13.90 17.62
N THR B 70 -16.08 14.29 18.88
CA THR B 70 -16.14 15.69 19.23
C THR B 70 -14.82 16.32 18.86
N ILE B 71 -13.74 15.61 19.13
CA ILE B 71 -12.42 16.04 18.70
C ILE B 71 -12.40 16.23 17.18
N LYS B 72 -12.96 15.29 16.45
CA LYS B 72 -13.07 15.44 15.00
C LYS B 72 -13.84 16.72 14.64
N ASN B 73 -15.04 16.88 15.20
CA ASN B 73 -15.82 18.11 14.98
C ASN B 73 -15.01 19.36 15.25
N THR B 74 -14.26 19.36 16.33
CA THR B 74 -13.45 20.52 16.70
C THR B 74 -12.40 20.87 15.64
N VAL B 75 -11.73 19.85 15.08
CA VAL B 75 -10.75 20.10 14.02
C VAL B 75 -11.44 20.76 12.83
N HIS B 76 -12.61 20.24 12.48
CA HIS B 76 -13.38 20.81 11.38
C HIS B 76 -13.77 22.26 11.64
N VAL B 77 -14.19 22.55 12.86
CA VAL B 77 -14.65 23.88 13.19
C VAL B 77 -13.48 24.87 13.18
N LEU B 78 -12.41 24.51 13.89
CA LEU B 78 -11.20 25.34 13.96
C LEU B 78 -10.62 25.58 12.59
N ALA B 79 -10.72 24.60 11.71
CA ALA B 79 -10.28 24.79 10.34
C ALA B 79 -11.15 25.86 9.67
N LYS B 80 -12.41 25.95 10.12
CA LYS B 80 -13.36 26.90 9.57
C LYS B 80 -13.19 28.31 10.17
N PHE B 81 -13.19 28.42 11.50
CA PHE B 81 -13.06 29.74 12.11
C PHE B 81 -11.64 30.23 12.04
N LYS B 82 -10.73 29.48 12.63
CA LYS B 82 -9.34 29.84 12.55
C LYS B 82 -9.09 29.37 11.13
N GLY B 83 -7.93 29.61 10.57
CA GLY B 83 -7.73 29.13 9.21
C GLY B 83 -6.90 27.87 9.26
N ILE B 84 -6.28 27.54 8.14
CA ILE B 84 -5.15 26.63 8.21
C ILE B 84 -3.97 27.52 7.84
N LYS B 85 -3.54 27.46 6.59
CA LYS B 85 -2.33 28.18 6.15
C LYS B 85 -1.14 27.50 6.82
N SER B 86 -0.59 28.11 7.86
CA SER B 86 0.43 27.32 8.52
C SER B 86 -0.19 26.12 9.24
N ILE B 87 0.37 24.95 8.92
CA ILE B 87 0.03 23.69 9.54
C ILE B 87 0.44 23.72 11.00
N GLU B 88 1.53 24.43 11.28
CA GLU B 88 1.94 24.64 12.67
C GLU B 88 0.91 25.47 13.45
N ALA B 89 0.42 26.55 12.84
CA ALA B 89 -0.60 27.38 13.47
C ALA B 89 -1.84 26.55 13.81
N PHE B 90 -2.29 25.80 12.80
CA PHE B 90 -3.43 24.92 12.96
C PHE B 90 -3.23 24.01 14.17
N ALA B 91 -2.08 23.37 14.27
CA ALA B 91 -1.82 22.42 15.37
C ALA B 91 -1.75 23.10 16.74
N MET B 92 -1.14 24.29 16.81
CA MET B 92 -1.14 25.05 18.06
C MET B 92 -2.57 25.43 18.48
N ASN B 93 -3.35 25.92 17.51
CA ASN B 93 -4.77 26.22 17.77
C ASN B 93 -5.50 25.03 18.36
N ILE B 94 -5.29 23.85 17.78
CA ILE B 94 -5.96 22.67 18.29
C ILE B 94 -5.52 22.39 19.71
N CYS B 95 -4.21 22.47 19.94
CA CYS B 95 -3.65 22.29 21.27
C CYS B 95 -4.23 23.30 22.24
N GLU B 96 -4.23 24.57 21.85
CA GLU B 96 -4.70 25.64 22.71
C GLU B 96 -6.13 25.42 23.16
N HIS B 97 -6.96 25.03 22.19
CA HIS B 97 -8.38 24.87 22.41
C HIS B 97 -8.71 23.86 23.50
N PHE B 98 -8.05 22.71 23.47
CA PHE B 98 -8.39 21.64 24.39
C PHE B 98 -7.80 21.82 25.78
N LEU B 99 -6.68 22.51 25.86
CA LEU B 99 -6.06 22.74 27.16
C LEU B 99 -6.88 23.84 27.86
N SER B 100 -7.32 24.83 27.08
CA SER B 100 -8.15 25.92 27.58
C SER B 100 -9.56 25.50 27.98
N SER B 101 -10.20 24.72 27.13
CA SER B 101 -11.62 24.44 27.28
C SER B 101 -11.87 23.36 28.31
N PHE B 102 -10.84 22.59 28.63
CA PHE B 102 -11.00 21.48 29.56
C PHE B 102 -9.82 21.44 30.52
N ASN B 103 -10.09 21.72 31.79
CA ASN B 103 -8.98 21.81 32.71
C ASN B 103 -8.50 20.42 33.16
N HIS B 104 -9.28 19.37 32.89
CA HIS B 104 -8.79 18.03 33.26
C HIS B 104 -7.94 17.41 32.15
N VAL B 105 -7.74 18.16 31.07
CA VAL B 105 -6.82 17.78 30.00
C VAL B 105 -5.42 18.29 30.31
N ILE B 106 -4.50 17.39 30.62
CA ILE B 106 -3.15 17.80 31.03
C ILE B 106 -2.13 17.80 29.89
N ARG B 107 -2.46 17.16 28.78
CA ARG B 107 -1.59 17.23 27.60
C ARG B 107 -2.35 17.13 26.30
N ALA B 108 -1.92 17.92 25.33
CA ALA B 108 -2.45 17.81 23.98
C ALA B 108 -1.32 17.58 23.01
N GLN B 109 -1.53 16.70 22.03
CA GLN B 109 -0.53 16.50 20.99
C GLN B 109 -1.22 16.41 19.63
N VAL B 110 -0.70 17.16 18.67
CA VAL B 110 -1.31 17.21 17.34
C VAL B 110 -0.30 16.96 16.22
N TYR B 111 -0.62 16.01 15.34
CA TYR B 111 0.25 15.77 14.20
C TYR B 111 -0.50 16.15 12.94
N VAL B 112 0.16 16.89 12.06
CA VAL B 112 -0.48 17.33 10.84
C VAL B 112 0.41 17.06 9.64
N GLU B 113 -0.17 16.49 8.59
CA GLU B 113 0.53 16.29 7.35
C GLU B 113 -0.24 16.94 6.18
N GLU B 114 0.48 17.70 5.36
CA GLU B 114 -0.15 18.42 4.29
C GLU B 114 0.01 17.69 2.96
N VAL B 115 -1.11 17.49 2.27
CA VAL B 115 -1.12 16.89 0.96
C VAL B 115 -0.39 17.81 -0.01
N PRO B 116 0.62 17.28 -0.73
CA PRO B 116 1.43 18.14 -1.61
C PRO B 116 0.75 18.59 -2.90
N TRP B 117 -0.37 19.28 -2.79
CA TRP B 117 -0.97 19.93 -3.96
C TRP B 117 -0.10 21.10 -4.40
N LYS B 118 0.04 21.27 -5.72
CA LYS B 118 0.72 22.42 -6.30
C LYS B 118 -0.16 23.03 -7.36
N ARG B 119 -0.27 24.35 -7.34
CA ARG B 119 -1.00 25.09 -8.36
C ARG B 119 -0.46 24.74 -9.73
N PHE B 120 -1.35 24.43 -10.68
CA PHE B 120 -0.99 24.31 -12.10
C PHE B 120 -0.05 25.44 -12.52
N GLU B 121 0.96 25.12 -13.32
CA GLU B 121 1.90 26.16 -13.74
C GLU B 121 2.56 25.92 -15.08
N LYS B 122 2.78 27.02 -15.81
CA LYS B 122 3.64 26.91 -16.99
C LYS B 122 4.47 28.19 -17.11
N ASN B 123 5.76 28.03 -16.83
CA ASN B 123 6.72 29.13 -16.87
C ASN B 123 6.33 30.33 -16.01
N GLY B 124 5.79 30.06 -14.82
CA GLY B 124 5.46 31.13 -13.90
C GLY B 124 4.02 31.58 -13.96
N VAL B 125 3.26 31.10 -14.95
CA VAL B 125 1.86 31.49 -14.99
C VAL B 125 1.02 30.39 -14.33
N LYS B 126 0.54 30.77 -13.16
CA LYS B 126 -0.25 29.96 -12.26
C LYS B 126 -1.78 30.01 -12.53
N HIS B 127 -2.41 28.84 -12.53
CA HIS B 127 -3.86 28.71 -12.66
C HIS B 127 -4.58 29.22 -11.40
N VAL B 128 -5.77 29.78 -11.59
CA VAL B 128 -6.52 30.38 -10.47
C VAL B 128 -7.16 29.37 -9.51
N HIS B 129 -7.47 28.18 -10.00
CA HIS B 129 -8.14 27.14 -9.19
C HIS B 129 -7.85 25.68 -9.61
N ALA B 130 -6.73 25.41 -10.29
CA ALA B 130 -6.37 24.02 -10.61
C ALA B 130 -5.09 23.58 -9.89
N PHE B 131 -5.09 22.35 -9.39
CA PHE B 131 -3.96 21.84 -8.61
C PHE B 131 -3.59 20.41 -9.03
N ILE B 132 -2.29 20.10 -8.99
CA ILE B 132 -1.81 18.76 -9.35
C ILE B 132 -1.04 18.20 -8.16
N HIS B 133 -1.26 16.91 -7.90
CA HIS B 133 -0.68 16.26 -6.74
C HIS B 133 0.80 16.08 -6.99
N THR B 134 1.65 16.69 -6.19
CA THR B 134 3.07 16.76 -6.53
C THR B 134 3.97 16.43 -5.35
N PRO B 135 4.16 15.11 -5.08
CA PRO B 135 4.93 14.71 -3.89
C PRO B 135 6.44 14.79 -4.10
N THR B 136 6.97 16.01 -4.02
CA THR B 136 8.40 16.31 -4.17
C THR B 136 8.94 16.86 -2.86
N GLY B 137 8.46 16.30 -1.77
CA GLY B 137 8.72 16.82 -0.44
C GLY B 137 7.37 17.16 0.19
N THR B 138 7.13 16.62 1.37
CA THR B 138 5.84 16.73 2.01
C THR B 138 6.05 17.39 3.36
N HIS B 139 5.26 18.43 3.64
CA HIS B 139 5.35 19.18 4.88
C HIS B 139 4.51 18.50 5.97
N PHE B 140 5.11 18.26 7.13
CA PHE B 140 4.36 17.80 8.28
C PHE B 140 4.83 18.59 9.50
N CYS B 141 4.09 18.46 10.60
CA CYS B 141 4.46 19.11 11.82
C CYS B 141 3.87 18.36 12.99
N GLU B 142 4.47 18.55 14.16
CA GLU B 142 4.02 17.94 15.38
C GLU B 142 4.10 19.00 16.49
N VAL B 143 2.98 19.21 17.17
CA VAL B 143 2.95 20.12 18.30
C VAL B 143 2.51 19.37 19.55
N GLU B 144 3.27 19.56 20.62
CA GLU B 144 2.94 18.97 21.91
C GLU B 144 2.91 20.04 23.00
N GLN B 145 1.96 19.90 23.93
CA GLN B 145 1.75 20.90 24.97
C GLN B 145 1.15 20.37 26.26
N MET B 146 1.85 20.68 27.35
CA MET B 146 1.39 20.36 28.69
C MET B 146 0.52 21.49 29.23
N LYS B 147 -0.32 21.17 30.19
CA LYS B 147 -1.19 22.16 30.81
C LYS B 147 -0.37 23.28 31.44
N SER B 148 -0.62 24.51 30.99
CA SER B 148 0.05 25.70 31.53
C SER B 148 1.56 25.74 31.18
N GLY B 149 1.94 25.01 30.14
CA GLY B 149 3.27 25.12 29.56
C GLY B 149 3.13 25.58 28.13
N PRO B 150 4.23 26.05 27.51
CA PRO B 150 4.10 26.47 26.12
C PRO B 150 3.99 25.30 25.15
N PRO B 151 3.70 25.58 23.88
CA PRO B 151 3.68 24.49 22.92
C PRO B 151 5.09 24.19 22.40
N VAL B 152 5.45 22.90 22.33
CA VAL B 152 6.68 22.49 21.66
C VAL B 152 6.37 22.13 20.22
N ILE B 153 7.01 22.81 19.29
CA ILE B 153 6.75 22.65 17.86
C ILE B 153 7.85 21.99 17.01
N HIS B 154 7.58 20.84 16.40
CA HIS B 154 8.46 20.32 15.33
C HIS B 154 7.84 20.48 13.95
N SER B 155 8.67 20.81 12.96
CA SER B 155 8.25 20.71 11.56
C SER B 155 9.14 19.70 10.87
N GLY B 156 8.81 19.32 9.64
CA GLY B 156 9.56 18.28 9.00
C GLY B 156 9.30 18.07 7.53
N ILE B 157 10.23 17.38 6.89
CA ILE B 157 10.07 16.91 5.53
C ILE B 157 9.99 15.39 5.48
N LYS B 158 9.13 14.86 4.61
CA LYS B 158 9.06 13.43 4.36
C LYS B 158 8.74 13.16 2.88
N ASP B 159 8.88 11.90 2.47
CA ASP B 159 8.51 11.46 1.12
C ASP B 159 9.18 12.28 0.01
N LEU B 160 10.42 12.72 0.24
CA LEU B 160 11.20 13.40 -0.78
C LEU B 160 12.20 12.38 -1.34
N LYS B 161 11.92 11.85 -2.53
CA LYS B 161 12.71 10.77 -3.10
C LYS B 161 13.59 11.29 -4.23
N VAL B 162 14.90 11.11 -4.06
CA VAL B 162 15.89 11.63 -5.00
C VAL B 162 16.98 10.61 -5.30
N LEU B 163 17.58 10.76 -6.47
CA LEU B 163 18.60 9.85 -6.97
C LEU B 163 19.70 10.65 -7.65
N LYS B 164 20.96 10.45 -7.29
CA LYS B 164 22.04 10.93 -8.19
C LYS B 164 22.93 9.77 -8.62
N THR B 165 23.33 9.78 -9.89
CA THR B 165 23.99 8.67 -10.53
C THR B 165 25.52 8.76 -10.47
N THR B 166 26.04 9.63 -9.63
CA THR B 166 27.48 9.76 -9.48
C THR B 166 27.81 10.75 -8.35
N GLN B 167 29.08 11.12 -8.26
CA GLN B 167 29.56 12.00 -7.17
C GLN B 167 29.23 11.43 -5.80
N SER B 168 29.23 10.10 -5.73
CA SER B 168 29.06 9.41 -4.47
C SER B 168 30.02 8.22 -4.43
N GLY B 169 30.64 8.02 -3.29
CA GLY B 169 31.55 6.90 -3.13
C GLY B 169 31.49 6.36 -1.73
N PHE B 170 32.09 5.18 -1.55
CA PHE B 170 32.12 4.56 -0.22
C PHE B 170 33.36 3.66 -0.11
N GLU B 171 34.32 4.09 0.70
CA GLU B 171 35.58 3.38 0.81
C GLU B 171 36.22 3.62 2.18
N GLY B 172 37.24 2.82 2.51
CA GLY B 172 37.97 2.99 3.75
C GLY B 172 37.24 2.41 4.95
N PHE B 173 36.35 1.45 4.71
CA PHE B 173 35.58 0.86 5.80
C PHE B 173 36.24 -0.39 6.39
N ILE B 174 35.73 -0.81 7.55
CA ILE B 174 36.16 -2.05 8.17
C ILE B 174 35.80 -3.24 7.29
N LYS B 175 36.78 -4.09 7.03
CA LYS B 175 36.53 -5.30 6.27
C LYS B 175 36.78 -6.52 7.11
N ASP B 176 35.72 -6.99 7.75
CA ASP B 176 35.80 -8.24 8.51
C ASP B 176 35.53 -9.41 7.58
N GLN B 177 35.28 -10.57 8.18
CA GLN B 177 35.17 -11.81 7.43
C GLN B 177 33.80 -11.98 6.77
N PHE B 178 32.90 -11.02 7.04
CA PHE B 178 31.55 -11.05 6.50
C PHE B 178 31.31 -9.92 5.48
N THR B 179 32.41 -9.23 5.16
CA THR B 179 32.40 -8.09 4.26
C THR B 179 32.78 -8.48 2.84
N THR B 180 31.80 -8.51 1.94
CA THR B 180 32.05 -8.80 0.54
C THR B 180 31.93 -7.53 -0.29
N LEU B 181 31.56 -6.43 0.36
CA LEU B 181 31.37 -5.15 -0.30
C LEU B 181 32.71 -4.58 -0.79
N PRO B 182 32.86 -4.45 -2.11
CA PRO B 182 34.02 -3.76 -2.69
C PRO B 182 34.00 -2.26 -2.42
N GLU B 183 35.16 -1.66 -2.17
CA GLU B 183 35.22 -0.22 -2.05
C GLU B 183 34.92 0.41 -3.40
N VAL B 184 34.32 1.59 -3.41
CA VAL B 184 33.94 2.22 -4.66
C VAL B 184 34.14 3.72 -4.54
N LYS B 185 34.48 4.34 -5.65
CA LYS B 185 34.70 5.78 -5.71
C LYS B 185 33.54 6.45 -6.44
N ASP B 186 32.80 5.64 -7.20
CA ASP B 186 31.58 6.07 -7.87
C ASP B 186 30.44 5.08 -7.61
N ARG B 187 29.24 5.62 -7.32
CA ARG B 187 28.03 4.80 -7.17
C ARG B 187 26.76 5.66 -7.26
N CYS B 188 25.61 5.03 -7.52
CA CYS B 188 24.34 5.70 -7.30
C CYS B 188 24.06 5.91 -5.84
N PHE B 189 23.52 7.07 -5.52
CA PHE B 189 22.96 7.34 -4.21
C PHE B 189 21.49 7.73 -4.40
N ALA B 190 20.58 6.95 -3.84
CA ALA B 190 19.15 7.24 -3.89
C ALA B 190 18.64 7.19 -2.48
N THR B 191 17.75 8.09 -2.13
CA THR B 191 17.25 8.10 -0.79
C THR B 191 15.85 8.70 -0.72
N GLN B 192 15.23 8.55 0.43
CA GLN B 192 13.94 9.18 0.70
C GLN B 192 14.10 9.97 1.96
N VAL B 193 14.19 11.28 1.84
CA VAL B 193 14.53 12.06 3.02
C VAL B 193 13.41 12.15 4.06
N TYR B 194 13.77 11.89 5.30
CA TYR B 194 12.99 12.26 6.46
C TYR B 194 13.82 13.21 7.34
N CYS B 195 13.26 14.39 7.57
CA CYS B 195 13.96 15.44 8.27
C CYS B 195 12.99 16.16 9.20
N LYS B 196 13.27 16.14 10.50
CA LYS B 196 12.38 16.75 11.48
C LYS B 196 13.13 17.67 12.46
N TRP B 197 12.73 18.95 12.53
CA TRP B 197 13.43 19.88 13.43
C TRP B 197 12.52 20.54 14.48
N ARG B 198 13.05 20.67 15.69
CA ARG B 198 12.40 21.40 16.78
C ARG B 198 12.74 22.89 16.71
N TYR B 199 11.80 23.75 17.09
CA TYR B 199 12.06 25.20 17.10
C TYR B 199 12.46 25.64 18.48
N HIS B 200 13.18 26.75 18.56
CA HIS B 200 13.64 27.19 19.86
C HIS B 200 12.53 27.58 20.83
N GLN B 201 11.85 28.69 20.59
CA GLN B 201 10.92 29.27 21.56
C GLN B 201 11.10 30.77 21.52
N GLY B 202 10.05 31.54 21.76
CA GLY B 202 10.20 32.99 21.67
C GLY B 202 10.49 33.18 20.21
N ARG B 203 9.74 32.42 19.41
CA ARG B 203 10.00 32.30 18.00
C ARG B 203 9.20 33.27 17.17
N ASP B 204 9.92 34.09 16.41
CA ASP B 204 9.27 34.90 15.40
C ASP B 204 9.55 34.12 14.12
N VAL B 205 8.70 33.12 13.88
CA VAL B 205 8.93 32.17 12.79
C VAL B 205 7.92 32.17 11.64
N ASP B 206 8.43 32.30 10.41
CA ASP B 206 7.65 32.04 9.21
C ASP B 206 7.81 30.55 8.86
N PHE B 207 6.92 29.74 9.39
CA PHE B 207 6.97 28.29 9.22
C PHE B 207 7.10 27.82 7.77
N GLU B 208 6.34 28.42 6.88
CA GLU B 208 6.38 28.02 5.49
C GLU B 208 7.72 28.31 4.81
N ALA B 209 8.31 29.45 5.16
CA ALA B 209 9.59 29.87 4.59
C ALA B 209 10.74 29.03 5.15
N THR B 210 10.69 28.81 6.46
CA THR B 210 11.63 27.96 7.15
C THR B 210 11.65 26.59 6.50
N TRP B 211 10.45 26.07 6.22
CA TRP B 211 10.33 24.76 5.57
C TRP B 211 10.98 24.74 4.18
N ASP B 212 10.68 25.72 3.33
CA ASP B 212 11.33 25.78 2.01
C ASP B 212 12.83 25.92 2.10
N THR B 213 13.28 26.53 3.18
CA THR B 213 14.69 26.83 3.35
C THR B 213 15.43 25.55 3.71
N VAL B 214 14.95 24.84 4.72
CA VAL B 214 15.50 23.54 5.07
C VAL B 214 15.48 22.59 3.86
N ARG B 215 14.38 22.61 3.10
CA ARG B 215 14.30 21.71 1.97
C ARG B 215 15.39 21.96 0.93
N ASP B 216 15.61 23.21 0.56
CA ASP B 216 16.63 23.47 -0.45
C ASP B 216 18.05 23.24 0.13
N ILE B 217 18.26 23.48 1.42
CA ILE B 217 19.53 23.10 2.02
C ILE B 217 19.75 21.60 1.81
N VAL B 218 18.77 20.79 2.23
CA VAL B 218 18.76 19.35 1.99
C VAL B 218 19.14 18.98 0.56
N LEU B 219 18.47 19.61 -0.41
CA LEU B 219 18.72 19.26 -1.80
C LEU B 219 20.08 19.78 -2.27
N LYS B 220 20.58 20.80 -1.59
CA LYS B 220 21.85 21.39 -1.97
C LYS B 220 23.00 20.44 -1.59
N LYS B 221 23.06 20.07 -0.32
CA LYS B 221 24.05 19.13 0.19
C LYS B 221 24.01 17.75 -0.49
N PHE B 222 22.89 17.39 -1.09
CA PHE B 222 22.72 16.06 -1.68
C PHE B 222 23.26 15.99 -3.10
N ALA B 223 22.96 17.03 -3.88
CA ALA B 223 23.28 17.07 -5.29
C ALA B 223 24.42 18.04 -5.61
N GLY B 224 24.74 18.93 -4.66
CA GLY B 224 25.77 19.93 -4.89
C GLY B 224 25.48 20.82 -6.10
N PRO B 225 26.44 21.65 -6.52
CA PRO B 225 26.33 22.56 -7.67
C PRO B 225 25.73 21.90 -8.92
N TYR B 226 24.85 22.59 -9.62
CA TYR B 226 24.14 21.98 -10.76
C TYR B 226 25.03 21.71 -11.95
N ASP B 227 26.20 22.32 -11.96
CA ASP B 227 27.11 22.13 -13.08
C ASP B 227 28.04 20.93 -12.86
N LYS B 228 28.43 20.72 -11.61
CA LYS B 228 29.52 19.82 -11.29
C LYS B 228 29.03 18.70 -10.37
N GLY B 229 28.59 19.03 -9.15
CA GLY B 229 27.98 18.07 -8.24
C GLY B 229 28.58 17.48 -6.96
N GLU B 230 29.41 18.27 -6.26
CA GLU B 230 30.13 17.87 -5.03
C GLU B 230 30.07 16.39 -4.55
N TYR B 231 31.26 15.82 -4.43
CA TYR B 231 31.45 14.43 -4.05
C TYR B 231 31.01 14.19 -2.60
N SER B 232 30.29 13.09 -2.37
CA SER B 232 29.94 12.68 -1.02
C SER B 232 30.64 11.36 -0.72
N PRO B 233 31.48 11.37 0.32
CA PRO B 233 32.27 10.18 0.64
C PRO B 233 31.55 9.31 1.65
N SER B 234 30.40 9.79 2.08
CA SER B 234 29.70 9.17 3.19
C SER B 234 28.30 9.76 3.31
N VAL B 235 27.30 8.90 3.44
CA VAL B 235 25.94 9.37 3.68
C VAL B 235 25.91 10.01 5.07
N GLN B 236 26.65 9.43 6.03
CA GLN B 236 26.77 10.05 7.36
C GLN B 236 27.23 11.50 7.22
N LYS B 237 28.13 11.73 6.27
CA LYS B 237 28.71 13.05 6.05
C LYS B 237 27.67 14.03 5.47
N THR B 238 26.98 13.62 4.40
CA THR B 238 25.92 14.41 3.80
C THR B 238 24.85 14.76 4.84
N LEU B 239 24.52 13.79 5.69
CA LEU B 239 23.54 14.02 6.74
C LEU B 239 23.99 15.15 7.66
N TYR B 240 25.21 15.07 8.17
CA TYR B 240 25.74 16.07 9.09
C TYR B 240 25.83 17.47 8.47
N ASP B 241 26.21 17.55 7.21
CA ASP B 241 26.28 18.84 6.54
C ASP B 241 24.92 19.54 6.54
N ILE B 242 23.86 18.81 6.19
CA ILE B 242 22.50 19.34 6.17
C ILE B 242 22.13 19.88 7.54
N GLN B 243 22.37 19.07 8.56
CA GLN B 243 22.16 19.48 9.93
C GLN B 243 22.94 20.75 10.28
N VAL B 244 24.21 20.80 9.86
CA VAL B 244 25.07 21.96 10.15
C VAL B 244 24.67 23.21 9.37
N LEU B 245 24.48 23.07 8.06
CA LEU B 245 24.10 24.24 7.25
C LEU B 245 22.74 24.83 7.66
N SER B 246 21.91 24.02 8.32
CA SER B 246 20.53 24.42 8.63
C SER B 246 20.44 25.18 9.94
N LEU B 247 21.12 24.70 10.98
CA LEU B 247 21.16 25.41 12.24
C LEU B 247 21.84 26.76 12.09
N SER B 248 22.67 26.89 11.05
CA SER B 248 23.32 28.15 10.74
C SER B 248 22.38 29.09 10.03
N ARG B 249 21.84 28.65 8.90
CA ARG B 249 20.91 29.47 8.12
C ARG B 249 19.59 29.78 8.84
N VAL B 250 19.33 29.10 9.96
CA VAL B 250 18.06 29.26 10.67
C VAL B 250 18.26 29.18 12.19
N PRO B 251 18.39 30.34 12.84
CA PRO B 251 18.71 30.47 14.26
C PRO B 251 17.62 29.90 15.17
N GLU B 252 16.39 29.94 14.70
CA GLU B 252 15.24 29.56 15.51
C GLU B 252 15.07 28.04 15.65
N ILE B 253 15.77 27.27 14.80
CA ILE B 253 15.84 25.81 14.93
C ILE B 253 16.72 25.41 16.11
N GLU B 254 16.20 24.61 17.02
CA GLU B 254 16.97 24.25 18.19
C GLU B 254 17.64 22.88 18.01
N ASP B 255 17.04 21.99 17.22
CA ASP B 255 17.75 20.80 16.78
C ASP B 255 17.16 20.20 15.51
N MET B 256 17.87 19.23 14.93
CA MET B 256 17.41 18.59 13.71
C MET B 256 17.66 17.08 13.71
N GLU B 257 16.62 16.33 13.39
CA GLU B 257 16.75 14.88 13.26
C GLU B 257 16.65 14.51 11.79
N ILE B 258 17.58 13.70 11.31
CA ILE B 258 17.49 13.22 9.92
C ILE B 258 17.61 11.71 9.84
N SER B 259 16.95 11.16 8.84
CA SER B 259 16.98 9.76 8.52
C SER B 259 17.05 9.64 7.02
N LEU B 260 18.17 9.08 6.54
CA LEU B 260 18.39 8.91 5.12
C LEU B 260 18.48 7.41 4.78
N PRO B 261 17.43 6.88 4.14
CA PRO B 261 17.59 5.55 3.56
C PRO B 261 18.65 5.56 2.48
N ASN B 262 19.36 4.46 2.33
CA ASN B 262 20.25 4.29 1.21
C ASN B 262 19.64 3.20 0.34
N ILE B 263 18.90 3.60 -0.68
CA ILE B 263 18.16 2.67 -1.49
C ILE B 263 19.01 2.18 -2.65
N HIS B 264 19.22 0.87 -2.70
CA HIS B 264 20.29 0.31 -3.51
C HIS B 264 19.95 0.13 -4.98
N TYR B 265 20.90 0.54 -5.80
CA TYR B 265 20.90 0.29 -7.21
C TYR B 265 22.20 -0.43 -7.54
N PHE B 266 22.13 -1.75 -7.67
CA PHE B 266 23.35 -2.52 -7.86
C PHE B 266 23.60 -2.81 -9.34
N ASN B 267 24.86 -2.69 -9.74
CA ASN B 267 25.25 -3.08 -11.07
C ASN B 267 24.88 -4.54 -11.32
N ILE B 268 24.21 -4.82 -12.43
CA ILE B 268 23.82 -6.18 -12.76
C ILE B 268 25.00 -6.90 -13.43
N ASP B 269 25.59 -7.86 -12.73
CA ASP B 269 26.72 -8.63 -13.26
C ASP B 269 26.26 -9.58 -14.35
N MET B 270 26.72 -9.34 -15.58
CA MET B 270 26.30 -10.15 -16.71
C MET B 270 27.41 -11.07 -17.23
N SER B 271 28.53 -11.16 -16.52
CA SER B 271 29.66 -12.02 -16.91
C SER B 271 29.20 -13.43 -17.31
N LYS B 272 28.43 -14.09 -16.43
CA LYS B 272 27.90 -15.43 -16.69
C LYS B 272 27.11 -15.55 -18.00
N MET B 273 26.79 -14.42 -18.63
CA MET B 273 26.10 -14.43 -19.90
C MET B 273 27.02 -13.92 -21.02
N GLY B 274 28.27 -13.64 -20.68
CA GLY B 274 29.22 -13.18 -21.65
C GLY B 274 29.07 -11.71 -21.98
N LEU B 275 28.57 -10.92 -21.02
CA LEU B 275 28.52 -9.48 -21.25
C LEU B 275 29.28 -8.71 -20.20
N ILE B 276 29.74 -7.53 -20.60
CA ILE B 276 30.45 -6.67 -19.70
C ILE B 276 29.57 -5.46 -19.46
N ASN B 277 29.03 -5.41 -18.25
CA ASN B 277 28.15 -4.34 -17.82
C ASN B 277 28.79 -3.56 -16.73
N LYS B 278 29.29 -2.38 -17.01
CA LYS B 278 29.85 -1.68 -15.90
C LYS B 278 29.93 -0.27 -16.35
N GLU B 279 28.90 0.50 -16.03
CA GLU B 279 27.72 0.04 -15.29
C GLU B 279 26.48 0.81 -15.78
N GLU B 280 25.86 0.31 -16.82
CA GLU B 280 24.85 1.03 -17.53
C GLU B 280 23.47 0.49 -17.16
N VAL B 281 23.43 -0.79 -16.77
CA VAL B 281 22.19 -1.41 -16.33
C VAL B 281 22.29 -1.76 -14.84
N LEU B 282 21.40 -1.19 -14.04
CA LEU B 282 21.38 -1.49 -12.60
C LEU B 282 20.03 -2.11 -12.17
N LEU B 283 20.09 -2.88 -11.09
CA LEU B 283 18.94 -3.44 -10.43
C LEU B 283 18.51 -2.57 -9.25
N PRO B 284 17.34 -1.93 -9.35
CA PRO B 284 16.71 -1.27 -8.19
C PRO B 284 16.18 -2.30 -7.22
N LEU B 285 16.68 -2.33 -5.98
CA LEU B 285 16.19 -3.29 -4.97
C LEU B 285 15.20 -2.59 -4.03
N ASP B 286 14.01 -3.15 -3.84
CA ASP B 286 13.09 -2.59 -2.84
C ASP B 286 13.60 -2.78 -1.41
N ASN B 287 14.21 -3.92 -1.15
CA ASN B 287 14.83 -4.19 0.14
C ASN B 287 15.90 -5.27 -0.04
N PRO B 288 16.83 -5.36 0.91
CA PRO B 288 16.93 -4.47 2.06
C PRO B 288 17.45 -3.08 1.67
N TYR B 289 17.56 -2.16 2.61
CA TYR B 289 18.19 -0.87 2.33
C TYR B 289 18.95 -0.38 3.54
N GLY B 290 19.99 0.44 3.31
CA GLY B 290 20.69 1.06 4.42
C GLY B 290 19.85 2.15 5.05
N LYS B 291 20.08 2.43 6.33
CA LYS B 291 19.41 3.56 6.96
C LYS B 291 20.36 4.31 7.85
N ILE B 292 20.75 5.53 7.43
CA ILE B 292 21.65 6.37 8.20
C ILE B 292 20.87 7.48 8.92
N THR B 293 21.00 7.53 10.24
CA THR B 293 20.24 8.50 11.01
C THR B 293 21.12 9.29 11.98
N GLY B 294 20.65 10.48 12.35
CA GLY B 294 21.31 11.27 13.36
C GLY B 294 20.49 12.46 13.85
N THR B 295 20.66 12.79 15.12
CA THR B 295 20.06 13.97 15.70
C THR B 295 21.12 14.84 16.36
N VAL B 296 21.25 16.08 15.89
CA VAL B 296 22.07 17.06 16.60
C VAL B 296 21.14 18.16 17.14
N LYS B 297 21.51 18.76 18.28
CA LYS B 297 20.73 19.86 18.91
C LYS B 297 21.67 21.06 18.85
N ARG B 298 21.32 22.22 19.39
CA ARG B 298 22.23 23.37 19.23
C ARG B 298 22.86 23.85 20.54
N LYS B 299 24.10 24.35 20.51
CA LYS B 299 24.59 25.40 21.44
C LYS B 299 25.65 26.31 20.78
N VAL C 14 -16.55 10.10 -34.24
CA VAL C 14 -15.62 9.11 -33.73
C VAL C 14 -16.43 8.00 -33.10
N GLU C 15 -16.50 6.87 -33.77
CA GLU C 15 -17.29 5.75 -33.26
C GLU C 15 -16.98 5.49 -31.77
N PHE C 16 -18.03 5.16 -31.00
CA PHE C 16 -17.89 4.80 -29.60
C PHE C 16 -17.62 3.32 -29.60
N VAL C 17 -16.78 2.87 -28.67
CA VAL C 17 -16.48 1.44 -28.58
C VAL C 17 -17.10 0.82 -27.34
N ARG C 18 -16.98 1.54 -26.24
CA ARG C 18 -17.44 1.05 -24.95
C ARG C 18 -17.67 2.23 -24.01
N THR C 19 -18.74 2.18 -23.22
CA THR C 19 -18.96 3.22 -22.21
C THR C 19 -19.45 2.58 -20.93
N GLY C 20 -19.25 3.27 -19.82
CA GLY C 20 -19.63 2.73 -18.54
C GLY C 20 -19.33 3.76 -17.48
N TYR C 21 -20.17 3.83 -16.47
CA TYR C 21 -19.96 4.72 -15.35
C TYR C 21 -20.63 4.04 -14.17
N GLY C 22 -20.22 4.40 -12.96
CA GLY C 22 -20.71 3.71 -11.79
C GLY C 22 -20.06 4.22 -10.53
N LYS C 23 -20.21 3.47 -9.45
CA LYS C 23 -19.56 3.79 -8.18
C LYS C 23 -18.66 2.61 -7.79
N ASP C 24 -17.44 2.93 -7.34
CA ASP C 24 -16.50 1.93 -6.79
C ASP C 24 -16.33 2.00 -5.27
N MET C 25 -15.97 0.85 -4.70
CA MET C 25 -15.60 0.77 -3.30
C MET C 25 -16.72 1.21 -2.38
N VAL C 26 -17.91 0.78 -2.73
CA VAL C 26 -19.04 0.93 -1.83
C VAL C 26 -18.90 -0.14 -0.76
N LYS C 27 -18.56 0.27 0.45
CA LYS C 27 -18.38 -0.70 1.52
C LYS C 27 -19.63 -0.77 2.37
N VAL C 28 -19.97 -1.99 2.78
CA VAL C 28 -21.16 -2.27 3.57
C VAL C 28 -20.89 -3.38 4.56
N LEU C 29 -21.32 -3.22 5.80
CA LEU C 29 -21.37 -4.35 6.71
C LEU C 29 -22.83 -4.70 7.01
N HIS C 30 -23.23 -5.91 6.65
CA HIS C 30 -24.58 -6.37 6.95
C HIS C 30 -24.60 -7.23 8.22
N ILE C 31 -25.43 -6.83 9.18
CA ILE C 31 -25.54 -7.56 10.45
C ILE C 31 -26.93 -8.15 10.64
N GLN C 32 -27.00 -9.47 10.78
CA GLN C 32 -28.24 -10.16 11.10
C GLN C 32 -28.17 -10.71 12.51
N ARG C 33 -29.25 -10.47 13.27
CA ARG C 33 -29.31 -10.82 14.68
C ARG C 33 -30.41 -11.83 14.96
N ASP C 34 -30.01 -13.07 15.23
CA ASP C 34 -30.95 -14.12 15.64
C ASP C 34 -30.77 -14.45 17.12
N GLY C 35 -31.40 -13.66 17.97
CA GLY C 35 -31.20 -13.75 19.40
C GLY C 35 -29.83 -13.22 19.72
N LYS C 36 -29.02 -14.04 20.40
CA LYS C 36 -27.67 -13.62 20.79
C LYS C 36 -26.68 -13.97 19.66
N TYR C 37 -27.18 -14.67 18.64
CA TYR C 37 -26.33 -15.18 17.58
C TYR C 37 -26.27 -14.24 16.37
N HIS C 38 -25.20 -13.45 16.28
CA HIS C 38 -25.07 -12.49 15.18
C HIS C 38 -24.26 -13.04 14.02
N SER C 39 -24.72 -12.74 12.82
CA SER C 39 -24.04 -13.11 11.59
C SER C 39 -23.78 -11.88 10.73
N ILE C 40 -22.59 -11.81 10.13
CA ILE C 40 -22.18 -10.64 9.37
C ILE C 40 -21.70 -10.99 7.97
N LYS C 41 -21.73 -10.00 7.10
CA LYS C 41 -21.02 -10.08 5.87
C LYS C 41 -20.58 -8.68 5.51
N GLU C 42 -19.27 -8.46 5.49
CA GLU C 42 -18.76 -7.17 5.04
C GLU C 42 -18.22 -7.35 3.63
N VAL C 43 -18.65 -6.46 2.76
CA VAL C 43 -18.26 -6.50 1.39
C VAL C 43 -17.78 -5.14 0.93
N ALA C 44 -17.13 -5.12 -0.23
CA ALA C 44 -16.86 -3.89 -0.93
C ALA C 44 -17.41 -4.11 -2.32
N THR C 45 -18.17 -3.14 -2.82
CA THR C 45 -18.91 -3.33 -4.06
C THR C 45 -18.62 -2.27 -5.11
N SER C 46 -18.52 -2.69 -6.36
CA SER C 46 -18.42 -1.77 -7.47
C SER C 46 -19.48 -2.10 -8.51
N VAL C 47 -20.08 -1.05 -9.05
CA VAL C 47 -21.18 -1.21 -9.95
C VAL C 47 -20.96 -0.34 -11.17
N GLN C 48 -21.07 -0.91 -12.36
CA GLN C 48 -20.99 -0.10 -13.57
C GLN C 48 -22.24 -0.25 -14.45
N LEU C 49 -22.65 0.84 -15.09
CA LEU C 49 -23.82 0.80 -15.97
C LEU C 49 -23.43 1.37 -17.31
N THR C 50 -23.97 0.81 -18.38
CA THR C 50 -23.85 1.46 -19.69
C THR C 50 -25.22 1.99 -20.15
N LEU C 51 -25.27 3.26 -20.55
CA LEU C 51 -26.51 3.86 -21.03
C LEU C 51 -26.59 3.82 -22.58
N SER C 52 -27.82 3.81 -23.11
CA SER C 52 -28.03 3.84 -24.56
C SER C 52 -27.71 5.20 -25.19
N SER C 53 -28.18 6.29 -24.61
CA SER C 53 -27.81 7.61 -25.11
C SER C 53 -26.38 7.93 -24.67
N LYS C 54 -25.71 8.82 -25.41
CA LYS C 54 -24.34 9.20 -25.14
C LYS C 54 -24.26 10.73 -25.02
N LYS C 55 -25.41 11.36 -24.88
CA LYS C 55 -25.54 12.82 -24.85
C LYS C 55 -24.82 13.46 -23.66
N ASP C 56 -24.67 12.69 -22.59
CA ASP C 56 -23.82 13.10 -21.46
C ASP C 56 -22.35 13.26 -21.92
N TYR C 57 -21.85 12.30 -22.69
CA TYR C 57 -20.50 12.41 -23.26
C TYR C 57 -20.42 13.49 -24.34
N LEU C 58 -21.39 13.48 -25.26
CA LEU C 58 -21.34 14.39 -26.40
C LEU C 58 -21.59 15.85 -26.03
N HIS C 59 -22.58 16.11 -25.18
CA HIS C 59 -23.03 17.48 -24.98
C HIS C 59 -23.05 18.00 -23.54
N GLY C 60 -22.99 17.09 -22.57
CA GLY C 60 -23.02 17.50 -21.18
C GLY C 60 -24.45 17.37 -20.67
N ASP C 61 -25.24 16.59 -21.39
CA ASP C 61 -26.65 16.40 -21.04
C ASP C 61 -26.79 15.22 -20.07
N ASN C 62 -27.02 15.55 -18.79
CA ASN C 62 -27.09 14.57 -17.70
C ASN C 62 -28.46 13.97 -17.45
N SER C 63 -29.38 14.25 -18.37
CA SER C 63 -30.79 13.96 -18.20
C SER C 63 -31.10 12.46 -18.16
N ASP C 64 -30.16 11.61 -18.60
CA ASP C 64 -30.37 10.15 -18.52
C ASP C 64 -29.51 9.50 -17.41
N ILE C 65 -28.70 10.31 -16.73
CA ILE C 65 -27.76 9.80 -15.73
C ILE C 65 -28.43 9.49 -14.40
N ILE C 66 -28.32 8.24 -13.97
CA ILE C 66 -28.56 7.89 -12.59
C ILE C 66 -27.29 8.34 -11.84
N PRO C 67 -27.40 9.31 -10.92
CA PRO C 67 -26.21 9.79 -10.20
C PRO C 67 -25.52 8.63 -9.52
N THR C 68 -24.19 8.60 -9.53
CA THR C 68 -23.45 7.49 -8.90
C THR C 68 -23.80 7.44 -7.40
N ASP C 69 -24.07 8.60 -6.81
CA ASP C 69 -24.54 8.64 -5.44
C ASP C 69 -25.83 7.82 -5.26
N THR C 70 -26.67 7.83 -6.27
CA THR C 70 -27.93 7.10 -6.21
C THR C 70 -27.64 5.62 -6.32
N ILE C 71 -26.69 5.27 -7.18
CA ILE C 71 -26.20 3.91 -7.26
C ILE C 71 -25.69 3.42 -5.89
N LYS C 72 -24.91 4.24 -5.19
CA LYS C 72 -24.49 3.88 -3.85
C LYS C 72 -25.68 3.62 -2.92
N ASN C 73 -26.60 4.60 -2.83
CA ASN C 73 -27.82 4.44 -2.03
C ASN C 73 -28.53 3.13 -2.35
N THR C 74 -28.64 2.81 -3.63
CA THR C 74 -29.30 1.58 -4.02
C THR C 74 -28.57 0.33 -3.48
N VAL C 75 -27.24 0.32 -3.52
CA VAL C 75 -26.50 -0.82 -2.96
C VAL C 75 -26.84 -0.95 -1.47
N HIS C 76 -26.86 0.18 -0.78
CA HIS C 76 -27.20 0.17 0.65
C HIS C 76 -28.60 -0.34 0.87
N VAL C 77 -29.53 0.08 0.03
CA VAL C 77 -30.92 -0.30 0.22
C VAL C 77 -31.12 -1.79 -0.04
N LEU C 78 -30.60 -2.26 -1.17
CA LEU C 78 -30.69 -3.67 -1.54
C LEU C 78 -30.06 -4.56 -0.49
N ALA C 79 -28.98 -4.09 0.12
CA ALA C 79 -28.35 -4.82 1.21
C ALA C 79 -29.30 -4.93 2.40
N LYS C 80 -30.19 -3.96 2.57
CA LYS C 80 -31.14 -3.99 3.68
C LYS C 80 -32.32 -4.93 3.46
N PHE C 81 -32.95 -4.75 2.31
CA PHE C 81 -34.13 -5.49 1.89
C PHE C 81 -33.87 -6.91 1.44
N LYS C 82 -32.86 -7.11 0.57
CA LYS C 82 -32.62 -8.45 0.04
C LYS C 82 -31.50 -9.16 0.78
N GLY C 83 -30.90 -8.47 1.75
CA GLY C 83 -29.83 -9.06 2.53
C GLY C 83 -28.58 -9.38 1.73
N ILE C 84 -27.72 -10.18 2.34
CA ILE C 84 -26.45 -10.53 1.73
C ILE C 84 -26.16 -12.04 1.71
N LYS C 85 -27.17 -12.84 1.42
CA LYS C 85 -27.08 -14.31 1.42
C LYS C 85 -25.76 -14.82 0.82
N SER C 86 -25.55 -14.49 -0.44
CA SER C 86 -24.29 -14.65 -1.14
C SER C 86 -23.98 -13.40 -1.97
N ILE C 87 -22.70 -13.08 -2.10
CA ILE C 87 -22.25 -11.93 -2.92
C ILE C 87 -22.68 -12.12 -4.36
N GLU C 88 -22.78 -13.37 -4.80
CA GLU C 88 -23.37 -13.61 -6.12
C GLU C 88 -24.85 -13.19 -6.15
N ALA C 89 -25.62 -13.57 -5.14
CA ALA C 89 -27.03 -13.16 -5.05
C ALA C 89 -27.14 -11.64 -5.04
N PHE C 90 -26.35 -11.03 -4.16
CA PHE C 90 -26.30 -9.59 -4.00
C PHE C 90 -26.08 -8.89 -5.34
N ALA C 91 -25.06 -9.34 -6.09
CA ALA C 91 -24.70 -8.71 -7.37
C ALA C 91 -25.76 -8.90 -8.46
N MET C 92 -26.38 -10.08 -8.49
CA MET C 92 -27.51 -10.29 -9.41
C MET C 92 -28.64 -9.33 -9.06
N ASN C 93 -28.99 -9.24 -7.79
CA ASN C 93 -30.01 -8.28 -7.34
C ASN C 93 -29.71 -6.89 -7.82
N ILE C 94 -28.46 -6.47 -7.65
CA ILE C 94 -28.07 -5.13 -8.06
C ILE C 94 -28.22 -4.95 -9.55
N CYS C 95 -27.75 -5.94 -10.30
CA CYS C 95 -27.88 -5.95 -11.76
C CYS C 95 -29.34 -5.89 -12.19
N GLU C 96 -30.15 -6.80 -11.65
CA GLU C 96 -31.55 -6.86 -12.06
C GLU C 96 -32.26 -5.54 -11.80
N HIS C 97 -31.94 -4.95 -10.64
CA HIS C 97 -32.59 -3.73 -10.25
C HIS C 97 -32.43 -2.62 -11.28
N PHE C 98 -31.22 -2.43 -11.77
CA PHE C 98 -30.98 -1.29 -12.65
C PHE C 98 -31.45 -1.54 -14.06
N LEU C 99 -31.47 -2.80 -14.49
CA LEU C 99 -31.93 -3.09 -15.84
C LEU C 99 -33.45 -2.99 -15.90
N SER C 100 -34.09 -3.50 -14.85
CA SER C 100 -35.55 -3.48 -14.76
C SER C 100 -36.06 -2.05 -14.52
N SER C 101 -35.39 -1.30 -13.64
CA SER C 101 -35.90 0.00 -13.22
C SER C 101 -35.62 1.12 -14.21
N PHE C 102 -34.69 0.90 -15.14
CA PHE C 102 -34.32 1.96 -16.08
C PHE C 102 -34.19 1.41 -17.50
N ASN C 103 -35.05 1.90 -18.38
CA ASN C 103 -35.15 1.33 -19.71
C ASN C 103 -33.97 1.73 -20.61
N HIS C 104 -33.27 2.80 -20.26
CA HIS C 104 -32.11 3.22 -21.04
C HIS C 104 -30.78 2.61 -20.56
N VAL C 105 -30.83 1.79 -19.52
CA VAL C 105 -29.67 1.05 -19.08
C VAL C 105 -29.58 -0.26 -19.84
N ILE C 106 -28.59 -0.35 -20.74
CA ILE C 106 -28.47 -1.52 -21.61
C ILE C 106 -27.48 -2.55 -21.08
N ARG C 107 -26.64 -2.14 -20.14
CA ARG C 107 -25.71 -3.08 -19.49
C ARG C 107 -25.45 -2.69 -18.04
N ALA C 108 -25.42 -3.71 -17.18
CA ALA C 108 -25.04 -3.54 -15.80
C ALA C 108 -23.92 -4.52 -15.45
N GLN C 109 -22.93 -4.06 -14.68
CA GLN C 109 -21.87 -4.96 -14.20
C GLN C 109 -21.54 -4.70 -12.74
N VAL C 110 -21.49 -5.77 -11.95
CA VAL C 110 -21.24 -5.63 -10.53
C VAL C 110 -20.09 -6.50 -10.03
N TYR C 111 -19.16 -5.89 -9.31
CA TYR C 111 -18.07 -6.64 -8.72
C TYR C 111 -18.18 -6.57 -7.20
N VAL C 112 -18.01 -7.71 -6.55
CA VAL C 112 -18.12 -7.75 -5.11
C VAL C 112 -16.98 -8.53 -4.50
N GLU C 113 -16.37 -7.98 -3.46
CA GLU C 113 -15.35 -8.70 -2.72
C GLU C 113 -15.73 -8.78 -1.25
N GLU C 114 -15.67 -9.97 -0.68
CA GLU C 114 -16.07 -10.19 0.67
C GLU C 114 -14.86 -10.19 1.60
N VAL C 115 -14.91 -9.37 2.64
CA VAL C 115 -13.87 -9.29 3.65
C VAL C 115 -13.78 -10.59 4.42
N PRO C 116 -12.59 -11.19 4.49
CA PRO C 116 -12.47 -12.52 5.10
C PRO C 116 -12.58 -12.56 6.62
N TRP C 117 -13.71 -12.09 7.14
CA TRP C 117 -14.03 -12.26 8.55
C TRP C 117 -14.32 -13.71 8.89
N LYS C 118 -13.85 -14.16 10.05
CA LYS C 118 -14.18 -15.50 10.54
C LYS C 118 -14.63 -15.42 11.98
N ARG C 119 -15.70 -16.15 12.28
CA ARG C 119 -16.15 -16.27 13.66
C ARG C 119 -15.03 -16.77 14.53
N PHE C 120 -14.80 -16.12 15.67
CA PHE C 120 -13.92 -16.62 16.72
C PHE C 120 -14.10 -18.12 17.03
N GLU C 121 -12.99 -18.84 17.24
CA GLU C 121 -13.04 -20.24 17.65
C GLU C 121 -11.91 -20.68 18.55
N LYS C 122 -12.27 -21.51 19.54
CA LYS C 122 -11.29 -22.15 20.40
C LYS C 122 -11.85 -23.54 20.65
N ASN C 123 -11.11 -24.55 20.22
CA ASN C 123 -11.54 -25.93 20.41
C ASN C 123 -12.93 -26.28 19.82
N GLY C 124 -13.30 -25.69 18.69
CA GLY C 124 -14.57 -26.06 18.07
C GLY C 124 -15.77 -25.23 18.48
N VAL C 125 -15.61 -24.39 19.50
CA VAL C 125 -16.75 -23.59 19.94
C VAL C 125 -16.72 -22.20 19.31
N LYS C 126 -17.78 -21.89 18.58
CA LYS C 126 -17.97 -20.62 17.89
C LYS C 126 -18.57 -19.51 18.78
N HIS C 127 -17.96 -18.33 18.73
CA HIS C 127 -18.47 -17.17 19.45
C HIS C 127 -19.75 -16.65 18.78
N VAL C 128 -20.68 -16.12 19.57
CA VAL C 128 -21.96 -15.67 19.03
C VAL C 128 -21.88 -14.35 18.25
N HIS C 129 -20.89 -13.51 18.56
CA HIS C 129 -20.78 -12.21 17.90
C HIS C 129 -19.35 -11.62 17.80
N ALA C 130 -18.32 -12.47 17.86
CA ALA C 130 -16.94 -11.96 17.66
C ALA C 130 -16.30 -12.57 16.42
N PHE C 131 -15.58 -11.74 15.66
CA PHE C 131 -14.98 -12.15 14.40
C PHE C 131 -13.54 -11.66 14.26
N ILE C 132 -12.70 -12.47 13.62
CA ILE C 132 -11.30 -12.15 13.44
C ILE C 132 -11.01 -12.13 11.93
N HIS C 133 -10.22 -11.15 11.52
CA HIS C 133 -9.95 -10.93 10.10
C HIS C 133 -8.96 -12.00 9.67
N THR C 134 -9.37 -12.86 8.74
CA THR C 134 -8.58 -14.06 8.44
C THR C 134 -8.41 -14.26 6.94
N PRO C 135 -7.44 -13.55 6.34
CA PRO C 135 -7.31 -13.63 4.89
C PRO C 135 -6.54 -14.87 4.43
N THR C 136 -7.25 -16.01 4.39
CA THR C 136 -6.70 -17.29 3.97
C THR C 136 -7.39 -17.74 2.71
N GLY C 137 -7.66 -16.77 1.84
CA GLY C 137 -8.48 -16.98 0.67
C GLY C 137 -9.68 -16.05 0.77
N THR C 138 -9.88 -15.25 -0.26
CA THR C 138 -10.87 -14.21 -0.24
C THR C 138 -11.85 -14.46 -1.38
N HIS C 139 -13.14 -14.45 -1.05
CA HIS C 139 -14.22 -14.70 -1.98
C HIS C 139 -14.55 -13.41 -2.70
N PHE C 140 -14.57 -13.44 -4.03
CA PHE C 140 -15.06 -12.31 -4.81
C PHE C 140 -15.97 -12.87 -5.89
N CYS C 141 -16.67 -11.98 -6.58
CA CYS C 141 -17.51 -12.38 -7.70
C CYS C 141 -17.76 -11.22 -8.65
N GLU C 142 -18.13 -11.57 -9.86
CA GLU C 142 -18.39 -10.59 -10.89
C GLU C 142 -19.62 -11.04 -11.68
N VAL C 143 -20.60 -10.16 -11.78
CA VAL C 143 -21.80 -10.45 -12.55
C VAL C 143 -21.96 -9.39 -13.61
N GLU C 144 -22.20 -9.82 -14.86
CA GLU C 144 -22.48 -8.88 -15.94
C GLU C 144 -23.79 -9.27 -16.63
N GLN C 145 -24.58 -8.26 -17.03
CA GLN C 145 -25.89 -8.54 -17.59
C GLN C 145 -26.30 -7.49 -18.60
N MET C 146 -26.68 -7.96 -19.78
CA MET C 146 -27.20 -7.13 -20.85
C MET C 146 -28.70 -6.97 -20.72
N LYS C 147 -29.24 -5.91 -21.30
CA LYS C 147 -30.67 -5.67 -21.24
C LYS C 147 -31.40 -6.85 -21.87
N SER C 148 -32.24 -7.52 -21.07
CA SER C 148 -33.09 -8.65 -21.50
C SER C 148 -32.31 -9.93 -21.81
N GLY C 149 -31.08 -10.03 -21.31
CA GLY C 149 -30.34 -11.28 -21.39
C GLY C 149 -30.12 -11.75 -19.96
N PRO C 150 -29.73 -13.03 -19.79
CA PRO C 150 -29.52 -13.43 -18.40
C PRO C 150 -28.22 -12.83 -17.86
N PRO C 151 -28.00 -12.95 -16.54
CA PRO C 151 -26.76 -12.47 -15.96
C PRO C 151 -25.65 -13.53 -16.09
N VAL C 152 -24.45 -13.08 -16.47
CA VAL C 152 -23.28 -13.95 -16.46
C VAL C 152 -22.56 -13.81 -15.13
N ILE C 153 -22.40 -14.92 -14.45
CA ILE C 153 -21.79 -14.94 -13.14
C ILE C 153 -20.41 -15.59 -13.12
N HIS C 154 -19.38 -14.80 -12.79
CA HIS C 154 -18.07 -15.37 -12.43
C HIS C 154 -17.92 -15.31 -10.92
N SER C 155 -17.39 -16.36 -10.33
CA SER C 155 -16.98 -16.29 -8.94
C SER C 155 -15.47 -16.56 -8.84
N GLY C 156 -14.86 -16.34 -7.68
CA GLY C 156 -13.40 -16.42 -7.60
C GLY C 156 -12.73 -16.43 -6.25
N ILE C 157 -11.47 -16.87 -6.24
CA ILE C 157 -10.57 -16.79 -5.08
C ILE C 157 -9.41 -15.83 -5.32
N LYS C 158 -9.07 -15.04 -4.30
CA LYS C 158 -7.89 -14.18 -4.38
C LYS C 158 -7.18 -14.12 -3.04
N ASP C 159 -5.96 -13.56 -3.03
CA ASP C 159 -5.21 -13.34 -1.79
C ASP C 159 -5.02 -14.56 -0.91
N LEU C 160 -4.88 -15.72 -1.55
CA LEU C 160 -4.59 -16.96 -0.84
C LEU C 160 -3.10 -17.25 -1.01
N LYS C 161 -2.32 -17.00 0.04
CA LYS C 161 -0.89 -17.10 -0.05
C LYS C 161 -0.39 -18.32 0.65
N VAL C 162 0.31 -19.16 -0.10
CA VAL C 162 0.78 -20.45 0.39
C VAL C 162 2.22 -20.74 -0.02
N LEU C 163 2.90 -21.53 0.81
CA LEU C 163 4.31 -21.87 0.63
C LEU C 163 4.52 -23.35 0.95
N LYS C 164 5.14 -24.11 0.06
CA LYS C 164 5.67 -25.41 0.49
C LYS C 164 7.17 -25.48 0.22
N THR C 165 7.89 -26.09 1.16
CA THR C 165 9.34 -26.11 1.16
C THR C 165 9.97 -27.31 0.49
N THR C 166 9.18 -28.08 -0.25
CA THR C 166 9.72 -29.25 -0.95
C THR C 166 8.63 -29.85 -1.83
N GLN C 167 8.89 -31.04 -2.38
CA GLN C 167 7.97 -31.66 -3.35
C GLN C 167 7.71 -30.77 -4.56
N SER C 168 8.69 -29.94 -4.90
CA SER C 168 8.60 -29.12 -6.10
C SER C 168 9.95 -29.11 -6.78
N GLY C 169 9.94 -29.22 -8.09
CA GLY C 169 11.16 -29.18 -8.87
C GLY C 169 10.92 -28.48 -10.19
N PHE C 170 12.02 -28.17 -10.88
CA PHE C 170 11.92 -27.53 -12.18
C PHE C 170 13.14 -27.94 -13.02
N GLU C 171 12.90 -28.73 -14.06
CA GLU C 171 14.00 -29.23 -14.88
C GLU C 171 13.54 -29.56 -16.29
N GLY C 172 14.51 -29.82 -17.17
CA GLY C 172 14.24 -30.24 -18.52
C GLY C 172 13.83 -29.10 -19.42
N PHE C 173 14.23 -27.89 -19.02
CA PHE C 173 13.85 -26.71 -19.78
C PHE C 173 14.88 -26.34 -20.86
N ILE C 174 14.46 -25.45 -21.77
CA ILE C 174 15.32 -24.90 -22.79
C ILE C 174 16.46 -24.11 -22.16
N LYS C 175 17.68 -24.39 -22.59
CA LYS C 175 18.82 -23.62 -22.12
C LYS C 175 19.48 -22.86 -23.24
N ASP C 176 19.07 -21.61 -23.40
CA ASP C 176 19.70 -20.71 -24.37
C ASP C 176 20.90 -20.00 -23.74
N GLN C 177 21.38 -18.94 -24.39
CA GLN C 177 22.61 -18.29 -23.95
C GLN C 177 22.39 -17.33 -22.79
N PHE C 178 21.13 -17.16 -22.38
CA PHE C 178 20.78 -16.26 -21.30
C PHE C 178 20.24 -17.00 -20.08
N THR C 179 20.35 -18.32 -20.14
CA THR C 179 19.87 -19.21 -19.09
C THR C 179 20.96 -19.54 -18.09
N THR C 180 20.87 -18.97 -16.90
CA THR C 180 21.80 -19.28 -15.83
C THR C 180 21.15 -20.15 -14.77
N LEU C 181 19.84 -20.36 -14.91
CA LEU C 181 19.06 -21.14 -13.95
C LEU C 181 19.44 -22.63 -14.00
N PRO C 182 20.00 -23.15 -12.89
CA PRO C 182 20.26 -24.58 -12.74
C PRO C 182 18.96 -25.40 -12.61
N GLU C 183 18.96 -26.59 -13.20
CA GLU C 183 17.83 -27.50 -13.00
C GLU C 183 17.84 -27.95 -11.53
N VAL C 184 16.66 -28.24 -10.99
CA VAL C 184 16.56 -28.61 -9.59
C VAL C 184 15.47 -29.65 -9.45
N LYS C 185 15.62 -30.54 -8.47
CA LYS C 185 14.65 -31.58 -8.20
C LYS C 185 13.88 -31.23 -6.92
N ASP C 186 14.47 -30.34 -6.13
CA ASP C 186 13.85 -29.76 -4.93
C ASP C 186 13.96 -28.24 -4.92
N ARG C 187 12.86 -27.58 -4.57
CA ARG C 187 12.81 -26.11 -4.39
C ARG C 187 11.58 -25.68 -3.60
N CYS C 188 11.61 -24.47 -3.05
CA CYS C 188 10.39 -23.85 -2.55
C CYS C 188 9.43 -23.46 -3.65
N PHE C 189 8.15 -23.67 -3.39
CA PHE C 189 7.10 -23.12 -4.24
C PHE C 189 6.23 -22.24 -3.34
N ALA C 190 6.16 -20.96 -3.65
CA ALA C 190 5.28 -20.05 -2.93
C ALA C 190 4.47 -19.32 -3.97
N THR C 191 3.21 -19.10 -3.70
CA THR C 191 2.37 -18.44 -4.66
C THR C 191 1.24 -17.70 -3.97
N GLN C 192 0.52 -16.89 -4.75
CA GLN C 192 -0.68 -16.22 -4.28
C GLN C 192 -1.78 -16.53 -5.23
N VAL C 193 -2.70 -17.40 -4.85
CA VAL C 193 -3.66 -17.87 -5.84
C VAL C 193 -4.70 -16.83 -6.22
N TYR C 194 -4.85 -16.67 -7.53
CA TYR C 194 -5.98 -16.03 -8.15
C TYR C 194 -6.68 -17.04 -9.08
N CYS C 195 -7.97 -17.26 -8.84
CA CYS C 195 -8.72 -18.30 -9.50
C CYS C 195 -10.12 -17.79 -9.79
N LYS C 196 -10.53 -17.73 -11.06
CA LYS C 196 -11.84 -17.18 -11.40
C LYS C 196 -12.64 -18.08 -12.34
N TRP C 197 -13.82 -18.53 -11.91
CA TRP C 197 -14.61 -19.42 -12.77
C TRP C 197 -15.98 -18.89 -13.15
N ARG C 198 -16.33 -19.11 -14.41
CA ARG C 198 -17.66 -18.79 -14.92
C ARG C 198 -18.61 -19.96 -14.73
N TYR C 199 -19.89 -19.67 -14.48
CA TYR C 199 -20.92 -20.70 -14.28
C TYR C 199 -21.77 -20.97 -15.54
N HIS C 200 -22.33 -22.17 -15.61
CA HIS C 200 -23.18 -22.53 -16.75
C HIS C 200 -24.54 -21.81 -16.80
N GLN C 201 -25.47 -22.21 -15.93
CA GLN C 201 -26.87 -21.78 -16.01
C GLN C 201 -27.82 -22.62 -15.15
N GLY C 202 -27.37 -23.81 -14.73
CA GLY C 202 -28.19 -24.67 -13.91
C GLY C 202 -28.48 -24.06 -12.55
N VAL C 205 -27.35 -23.72 -8.07
CA VAL C 205 -26.01 -23.57 -7.51
C VAL C 205 -25.92 -23.00 -6.11
N ASP C 206 -25.26 -23.72 -5.22
CA ASP C 206 -24.85 -23.21 -3.92
C ASP C 206 -23.49 -22.55 -4.11
N PHE C 207 -23.49 -21.23 -4.11
CA PHE C 207 -22.30 -20.46 -4.37
C PHE C 207 -21.26 -20.62 -3.25
N GLU C 208 -21.71 -20.57 -2.02
CA GLU C 208 -20.77 -20.68 -0.91
C GLU C 208 -20.14 -22.06 -0.88
N ALA C 209 -20.90 -23.09 -1.23
CA ALA C 209 -20.41 -24.46 -1.21
C ALA C 209 -19.43 -24.72 -2.35
N THR C 210 -19.78 -24.22 -3.54
CA THR C 210 -18.92 -24.32 -4.70
C THR C 210 -17.56 -23.69 -4.42
N TRP C 211 -17.59 -22.49 -3.83
CA TRP C 211 -16.39 -21.74 -3.52
C TRP C 211 -15.47 -22.52 -2.60
N ASP C 212 -16.04 -23.05 -1.53
CA ASP C 212 -15.25 -23.80 -0.57
C ASP C 212 -14.63 -25.04 -1.21
N THR C 213 -15.32 -25.56 -2.21
CA THR C 213 -14.94 -26.79 -2.86
C THR C 213 -13.74 -26.55 -3.78
N VAL C 214 -13.88 -25.59 -4.69
CA VAL C 214 -12.77 -25.18 -5.55
C VAL C 214 -11.56 -24.80 -4.72
N ARG C 215 -11.79 -24.10 -3.63
CA ARG C 215 -10.68 -23.72 -2.77
C ARG C 215 -9.97 -24.96 -2.27
N ASP C 216 -10.76 -25.96 -1.90
CA ASP C 216 -10.16 -27.16 -1.33
C ASP C 216 -9.36 -27.96 -2.40
N ILE C 217 -9.89 -28.03 -3.62
CA ILE C 217 -9.18 -28.63 -4.73
C ILE C 217 -7.83 -27.91 -4.94
N VAL C 218 -7.90 -26.59 -5.09
CA VAL C 218 -6.71 -25.75 -5.17
C VAL C 218 -5.66 -26.13 -4.14
N LEU C 219 -6.07 -26.19 -2.88
CA LEU C 219 -5.10 -26.49 -1.83
C LEU C 219 -4.67 -27.96 -1.89
N LYS C 220 -5.51 -28.79 -2.51
CA LYS C 220 -5.21 -30.21 -2.64
C LYS C 220 -4.07 -30.44 -3.64
N LYS C 221 -4.25 -29.95 -4.88
CA LYS C 221 -3.22 -30.00 -5.90
C LYS C 221 -1.91 -29.29 -5.58
N PHE C 222 -1.95 -28.33 -4.67
CA PHE C 222 -0.76 -27.56 -4.38
C PHE C 222 0.11 -28.27 -3.36
N ALA C 223 -0.52 -28.84 -2.34
CA ALA C 223 0.23 -29.41 -1.23
C ALA C 223 0.21 -30.95 -1.21
N GLY C 224 -0.72 -31.56 -1.93
CA GLY C 224 -0.88 -33.02 -1.91
C GLY C 224 -1.16 -33.59 -0.52
N PRO C 225 -1.19 -34.93 -0.39
CA PRO C 225 -1.47 -35.65 0.86
C PRO C 225 -0.71 -35.08 2.07
N TYR C 226 -1.37 -34.99 3.22
CA TYR C 226 -0.75 -34.35 4.37
C TYR C 226 0.40 -35.15 4.98
N ASP C 227 0.56 -36.41 4.58
CA ASP C 227 1.63 -37.21 5.16
C ASP C 227 2.98 -37.05 4.45
N LYS C 228 2.94 -36.98 3.12
CA LYS C 228 4.16 -37.00 2.31
C LYS C 228 4.23 -35.89 1.27
N GLY C 229 3.08 -35.42 0.84
CA GLY C 229 2.98 -34.38 -0.18
C GLY C 229 2.83 -35.03 -1.54
N GLU C 230 3.11 -34.27 -2.60
CA GLU C 230 3.00 -34.78 -3.97
C GLU C 230 3.94 -33.95 -4.84
N TYR C 231 4.82 -34.60 -5.60
CA TYR C 231 5.80 -33.85 -6.38
C TYR C 231 5.13 -33.03 -7.47
N SER C 232 5.55 -31.77 -7.58
CA SER C 232 5.09 -30.91 -8.66
C SER C 232 6.28 -30.59 -9.53
N PRO C 233 6.20 -30.99 -10.81
CA PRO C 233 7.32 -30.86 -11.73
C PRO C 233 7.21 -29.59 -12.53
N SER C 234 6.12 -28.89 -12.32
CA SER C 234 5.78 -27.76 -13.16
C SER C 234 4.62 -27.01 -12.53
N VAL C 235 4.75 -25.69 -12.41
CA VAL C 235 3.65 -24.87 -11.93
C VAL C 235 2.53 -24.90 -12.99
N GLN C 236 2.91 -24.94 -14.28
CA GLN C 236 1.93 -25.09 -15.35
C GLN C 236 1.09 -26.33 -15.13
N LYS C 237 1.73 -27.40 -14.67
CA LYS C 237 1.07 -28.69 -14.44
C LYS C 237 0.11 -28.60 -13.24
N THR C 238 0.59 -28.08 -12.12
CA THR C 238 -0.25 -27.88 -10.94
C THR C 238 -1.49 -27.03 -11.30
N LEU C 239 -1.29 -26.01 -12.14
CA LEU C 239 -2.38 -25.18 -12.63
C LEU C 239 -3.44 -25.99 -13.40
N TYR C 240 -3.00 -26.77 -14.37
CA TYR C 240 -3.91 -27.58 -15.18
C TYR C 240 -4.68 -28.60 -14.35
N ASP C 241 -4.02 -29.24 -13.40
CA ASP C 241 -4.69 -30.20 -12.55
C ASP C 241 -5.86 -29.55 -11.82
N ILE C 242 -5.62 -28.40 -11.17
CA ILE C 242 -6.68 -27.71 -10.41
C ILE C 242 -7.87 -27.42 -11.31
N GLN C 243 -7.60 -26.88 -12.49
CA GLN C 243 -8.63 -26.67 -13.50
C GLN C 243 -9.38 -27.96 -13.87
N VAL C 244 -8.64 -29.06 -14.03
CA VAL C 244 -9.24 -30.34 -14.41
C VAL C 244 -10.03 -30.97 -13.26
N LEU C 245 -9.45 -31.05 -12.08
CA LEU C 245 -10.15 -31.63 -10.94
C LEU C 245 -11.42 -30.83 -10.60
N SER C 246 -11.47 -29.57 -11.02
CA SER C 246 -12.55 -28.68 -10.64
C SER C 246 -13.75 -28.73 -11.56
N LEU C 247 -13.51 -28.70 -12.87
CA LEU C 247 -14.59 -28.79 -13.85
C LEU C 247 -15.29 -30.14 -13.81
N SER C 248 -14.57 -31.17 -13.37
CA SER C 248 -15.15 -32.49 -13.27
C SER C 248 -15.96 -32.55 -11.98
N ARG C 249 -15.33 -32.26 -10.85
CA ARG C 249 -16.02 -32.33 -9.56
C ARG C 249 -17.16 -31.27 -9.41
N VAL C 250 -17.27 -30.32 -10.32
CA VAL C 250 -18.31 -29.29 -10.25
C VAL C 250 -18.84 -28.96 -11.64
N PRO C 251 -19.94 -29.63 -12.04
CA PRO C 251 -20.49 -29.60 -13.41
C PRO C 251 -20.98 -28.26 -13.88
N GLU C 252 -21.44 -27.43 -12.95
CA GLU C 252 -22.06 -26.17 -13.31
C GLU C 252 -21.01 -25.11 -13.68
N ILE C 253 -19.74 -25.39 -13.33
CA ILE C 253 -18.63 -24.55 -13.74
C ILE C 253 -18.38 -24.74 -15.23
N GLU C 254 -18.39 -23.65 -15.98
CA GLU C 254 -18.22 -23.73 -17.42
C GLU C 254 -16.79 -23.47 -17.91
N ASP C 255 -16.05 -22.63 -17.19
CA ASP C 255 -14.62 -22.51 -17.44
C ASP C 255 -13.89 -21.99 -16.21
N MET C 256 -12.57 -22.05 -16.23
CA MET C 256 -11.81 -21.58 -15.09
C MET C 256 -10.52 -20.87 -15.51
N GLU C 257 -10.32 -19.68 -14.97
CA GLU C 257 -9.09 -18.93 -15.22
C GLU C 257 -8.23 -18.97 -13.95
N ILE C 258 -6.96 -19.35 -14.10
CA ILE C 258 -6.05 -19.34 -12.95
C ILE C 258 -4.79 -18.55 -13.23
N SER C 259 -4.27 -17.93 -12.18
CA SER C 259 -3.05 -17.17 -12.24
C SER C 259 -2.27 -17.46 -10.99
N LEU C 260 -1.12 -18.09 -11.17
CA LEU C 260 -0.22 -18.46 -10.10
C LEU C 260 1.10 -17.69 -10.20
N PRO C 261 1.30 -16.71 -9.31
CA PRO C 261 2.64 -16.16 -9.19
C PRO C 261 3.60 -17.23 -8.68
N ASN C 262 4.86 -17.15 -9.07
CA ASN C 262 5.91 -17.99 -8.48
C ASN C 262 6.83 -17.07 -7.70
N ILE C 263 6.60 -16.96 -6.40
CA ILE C 263 7.30 -16.00 -5.57
C ILE C 263 8.57 -16.63 -5.03
N HIS C 264 9.69 -16.02 -5.35
CA HIS C 264 10.98 -16.68 -5.23
C HIS C 264 11.58 -16.66 -3.84
N TYR C 265 12.07 -17.81 -3.44
CA TYR C 265 12.85 -17.95 -2.24
C TYR C 265 14.18 -18.59 -2.65
N PHE C 266 15.21 -17.77 -2.83
CA PHE C 266 16.46 -18.26 -3.36
C PHE C 266 17.43 -18.58 -2.25
N ASN C 267 18.12 -19.69 -2.39
CA ASN C 267 19.19 -20.01 -1.49
C ASN C 267 20.24 -18.93 -1.44
N ILE C 268 20.64 -18.54 -0.23
CA ILE C 268 21.66 -17.54 -0.09
C ILE C 268 23.04 -18.20 -0.16
N ASP C 269 23.77 -17.96 -1.24
CA ASP C 269 25.13 -18.48 -1.37
C ASP C 269 26.07 -17.75 -0.44
N MET C 270 26.61 -18.49 0.52
CA MET C 270 27.51 -17.92 1.52
C MET C 270 28.98 -18.30 1.27
N SER C 271 29.25 -18.84 0.09
CA SER C 271 30.59 -19.24 -0.34
C SER C 271 31.65 -18.21 -0.06
N LYS C 272 31.46 -17.00 -0.59
CA LYS C 272 32.42 -15.92 -0.41
C LYS C 272 32.69 -15.58 1.04
N MET C 273 31.92 -16.14 1.95
CA MET C 273 32.15 -15.93 3.37
C MET C 273 32.64 -17.19 4.06
N GLY C 274 32.85 -18.25 3.30
CA GLY C 274 33.34 -19.49 3.86
C GLY C 274 32.29 -20.32 4.55
N LEU C 275 31.03 -20.18 4.12
CA LEU C 275 30.00 -21.04 4.66
C LEU C 275 29.31 -21.85 3.57
N ILE C 276 28.83 -23.00 3.96
CA ILE C 276 28.10 -23.89 3.08
C ILE C 276 26.68 -23.87 3.57
N ASN C 277 25.82 -23.30 2.75
CA ASN C 277 24.45 -23.12 3.19
C ASN C 277 23.62 -24.24 2.62
N LYS C 278 23.24 -24.10 1.36
CA LYS C 278 22.41 -25.07 0.65
C LYS C 278 21.72 -26.13 1.57
N GLU C 279 20.45 -25.98 1.97
CA GLU C 279 19.53 -24.87 1.60
C GLU C 279 18.66 -24.53 2.79
N GLU C 280 19.24 -23.87 3.77
CA GLU C 280 18.62 -23.72 5.06
C GLU C 280 18.21 -22.30 5.32
N VAL C 281 18.97 -21.40 4.72
CA VAL C 281 18.70 -19.98 4.79
C VAL C 281 18.37 -19.47 3.39
N LEU C 282 17.16 -18.95 3.20
CA LEU C 282 16.75 -18.41 1.90
C LEU C 282 16.37 -16.93 1.95
N LEU C 283 16.52 -16.29 0.80
CA LEU C 283 16.13 -14.92 0.60
C LEU C 283 14.75 -14.85 -0.07
N PRO C 284 13.75 -14.34 0.66
CA PRO C 284 12.45 -14.00 0.04
C PRO C 284 12.56 -12.76 -0.84
N LEU C 285 12.28 -12.87 -2.13
CA LEU C 285 12.27 -11.69 -3.02
C LEU C 285 10.86 -11.18 -3.27
N ASP C 286 10.68 -9.89 -3.06
CA ASP C 286 9.43 -9.23 -3.40
C ASP C 286 9.24 -9.15 -4.93
N ASN C 287 10.32 -8.90 -5.66
CA ASN C 287 10.26 -8.93 -7.11
C ASN C 287 11.66 -9.17 -7.64
N PRO C 288 11.78 -9.64 -8.89
CA PRO C 288 10.64 -9.99 -9.74
C PRO C 288 10.00 -11.31 -9.33
N TYR C 289 8.94 -11.72 -10.01
CA TYR C 289 8.37 -13.03 -9.76
C TYR C 289 7.81 -13.61 -11.05
N GLY C 290 7.81 -14.94 -11.14
CA GLY C 290 7.20 -15.62 -12.26
C GLY C 290 5.68 -15.53 -12.20
N LYS C 291 5.03 -15.57 -13.36
CA LYS C 291 3.58 -15.60 -13.38
C LYS C 291 3.10 -16.59 -14.42
N ILE C 292 2.53 -17.70 -13.92
CA ILE C 292 2.01 -18.75 -14.78
C ILE C 292 0.49 -18.67 -14.83
N THR C 293 -0.07 -18.51 -16.02
CA THR C 293 -1.52 -18.37 -16.14
C THR C 293 -2.12 -19.28 -17.21
N GLY C 294 -3.40 -19.58 -17.05
CA GLY C 294 -4.16 -20.30 -18.06
C GLY C 294 -5.66 -20.31 -17.82
N THR C 295 -6.41 -20.35 -18.92
CA THR C 295 -7.87 -20.48 -18.90
C THR C 295 -8.30 -21.69 -19.71
N VAL C 296 -8.99 -22.63 -19.06
CA VAL C 296 -9.64 -23.72 -19.78
C VAL C 296 -11.17 -23.60 -19.69
N LYS C 297 -11.85 -24.01 -20.76
CA LYS C 297 -13.32 -24.05 -20.82
C LYS C 297 -13.78 -25.47 -21.11
N ARG C 298 -15.06 -25.74 -20.88
CA ARG C 298 -15.61 -27.07 -21.09
C ARG C 298 -15.94 -27.26 -22.57
N LYS C 299 -15.78 -28.46 -23.11
CA LYS C 299 -15.74 -29.70 -22.35
C LYS C 299 -14.66 -30.61 -22.91
N LEU C 300 -14.20 -31.62 -22.15
CA LEU C 300 -14.65 -31.94 -20.78
C LEU C 300 -13.47 -32.05 -19.82
N VAL D 14 -11.00 -31.17 -20.91
CA VAL D 14 -11.39 -29.78 -21.15
C VAL D 14 -10.67 -29.21 -22.36
N GLU D 15 -11.01 -27.99 -22.74
CA GLU D 15 -10.36 -27.32 -23.87
C GLU D 15 -9.62 -26.06 -23.37
N PHE D 16 -8.52 -25.69 -24.03
CA PHE D 16 -7.79 -24.48 -23.65
C PHE D 16 -8.36 -23.26 -24.32
N VAL D 17 -8.39 -22.17 -23.57
CA VAL D 17 -8.82 -20.88 -24.06
C VAL D 17 -7.64 -19.91 -24.15
N ARG D 18 -6.79 -19.91 -23.13
CA ARG D 18 -5.63 -19.02 -23.05
C ARG D 18 -4.55 -19.61 -22.18
N THR D 19 -3.29 -19.42 -22.56
CA THR D 19 -2.16 -19.78 -21.69
C THR D 19 -1.15 -18.66 -21.78
N GLY D 20 -0.32 -18.56 -20.75
CA GLY D 20 0.67 -17.49 -20.68
C GLY D 20 1.51 -17.69 -19.44
N TYR D 21 2.80 -17.41 -19.58
CA TYR D 21 3.70 -17.50 -18.46
C TYR D 21 4.80 -16.46 -18.71
N GLY D 22 5.44 -16.00 -17.64
CA GLY D 22 6.39 -14.92 -17.79
C GLY D 22 6.98 -14.51 -16.46
N LYS D 23 7.66 -13.37 -16.48
CA LYS D 23 8.20 -12.77 -15.29
C LYS D 23 7.54 -11.40 -15.15
N ASP D 24 7.07 -11.09 -13.95
CA ASP D 24 6.55 -9.75 -13.66
C ASP D 24 7.52 -8.97 -12.79
N MET D 25 7.42 -7.64 -12.87
CA MET D 25 8.14 -6.73 -11.99
C MET D 25 9.66 -6.92 -12.14
N VAL D 26 10.12 -7.05 -13.37
CA VAL D 26 11.54 -6.98 -13.60
C VAL D 26 11.87 -5.49 -13.61
N LYS D 27 12.64 -5.03 -12.63
CA LYS D 27 13.01 -3.61 -12.55
C LYS D 27 14.42 -3.37 -13.08
N VAL D 28 14.61 -2.27 -13.81
CA VAL D 28 15.90 -1.90 -14.38
C VAL D 28 16.09 -0.40 -14.35
N LEU D 29 17.29 0.04 -14.02
CA LEU D 29 17.68 1.43 -14.23
C LEU D 29 18.75 1.46 -15.32
N HIS D 30 18.47 2.14 -16.43
CA HIS D 30 19.47 2.32 -17.47
C HIS D 30 20.10 3.69 -17.29
N ILE D 31 21.43 3.71 -17.22
CA ILE D 31 22.19 4.95 -17.07
C ILE D 31 23.05 5.23 -18.29
N GLN D 32 22.89 6.41 -18.87
CA GLN D 32 23.75 6.85 -19.95
C GLN D 32 24.65 8.04 -19.52
N ARG D 33 25.96 7.96 -19.81
CA ARG D 33 26.88 9.01 -19.36
C ARG D 33 27.59 9.72 -20.52
N ASP D 34 27.20 10.98 -20.79
CA ASP D 34 27.89 11.79 -21.79
C ASP D 34 28.72 12.84 -21.06
N GLY D 35 29.90 12.45 -20.62
CA GLY D 35 30.70 13.35 -19.81
C GLY D 35 30.08 13.55 -18.44
N LYS D 36 29.82 14.82 -18.09
CA LYS D 36 29.27 15.17 -16.78
C LYS D 36 27.76 15.05 -16.76
N TYR D 37 27.17 14.91 -17.94
CA TYR D 37 25.74 14.94 -18.11
C TYR D 37 25.10 13.55 -18.19
N HIS D 38 24.56 13.10 -17.06
CA HIS D 38 23.98 11.77 -16.97
C HIS D 38 22.49 11.84 -17.19
N SER D 39 21.97 10.88 -17.92
CA SER D 39 20.55 10.78 -18.16
C SER D 39 20.13 9.34 -17.79
N ILE D 40 18.95 9.19 -17.19
CA ILE D 40 18.48 7.88 -16.70
C ILE D 40 17.10 7.50 -17.18
N LYS D 41 16.83 6.19 -17.15
CA LYS D 41 15.47 5.72 -17.28
C LYS D 41 15.33 4.45 -16.41
N GLU D 42 14.46 4.53 -15.42
CA GLU D 42 14.12 3.37 -14.60
C GLU D 42 12.75 2.85 -14.98
N VAL D 43 12.64 1.56 -15.25
CA VAL D 43 11.36 0.98 -15.60
C VAL D 43 11.08 -0.25 -14.75
N ALA D 44 9.84 -0.70 -14.81
CA ALA D 44 9.44 -1.99 -14.30
C ALA D 44 8.76 -2.69 -15.46
N THR D 45 9.12 -3.95 -15.71
CA THR D 45 8.71 -4.61 -16.91
C THR D 45 8.05 -5.93 -16.62
N SER D 46 6.98 -6.21 -17.36
CA SER D 46 6.41 -7.54 -17.27
C SER D 46 6.28 -8.17 -18.64
N VAL D 47 6.58 -9.46 -18.69
CA VAL D 47 6.63 -10.18 -19.95
C VAL D 47 5.85 -11.47 -19.89
N GLN D 48 4.94 -11.64 -20.85
CA GLN D 48 4.25 -12.92 -20.95
C GLN D 48 4.43 -13.54 -22.33
N LEU D 49 4.57 -14.86 -22.34
CA LEU D 49 4.74 -15.64 -23.56
C LEU D 49 3.68 -16.72 -23.62
N THR D 50 3.21 -17.00 -24.82
CA THR D 50 2.37 -18.17 -25.08
C THR D 50 3.11 -19.18 -25.93
N LEU D 51 3.10 -20.43 -25.51
CA LEU D 51 3.75 -21.47 -26.29
C LEU D 51 2.75 -22.25 -27.16
N SER D 52 3.27 -22.85 -28.23
CA SER D 52 2.51 -23.79 -29.07
C SER D 52 2.28 -25.08 -28.32
N SER D 53 3.28 -25.57 -27.61
CA SER D 53 3.13 -26.78 -26.83
C SER D 53 2.23 -26.49 -25.65
N LYS D 54 1.56 -27.52 -25.16
CA LYS D 54 0.72 -27.42 -23.99
C LYS D 54 1.13 -28.56 -23.09
N LYS D 55 2.22 -29.21 -23.49
CA LYS D 55 2.68 -30.42 -22.80
C LYS D 55 3.15 -30.08 -21.41
N ASP D 56 3.58 -28.84 -21.22
CA ASP D 56 3.92 -28.34 -19.89
C ASP D 56 2.72 -28.43 -18.93
N TYR D 57 1.55 -28.01 -19.38
CA TYR D 57 0.32 -28.13 -18.58
C TYR D 57 -0.18 -29.57 -18.45
N LEU D 58 -0.23 -30.29 -19.58
CA LEU D 58 -0.81 -31.63 -19.64
C LEU D 58 0.01 -32.70 -18.92
N HIS D 59 1.33 -32.66 -19.08
CA HIS D 59 2.14 -33.77 -18.60
C HIS D 59 3.25 -33.35 -17.63
N GLY D 60 3.61 -32.06 -17.63
CA GLY D 60 4.65 -31.60 -16.72
C GLY D 60 5.99 -31.60 -17.42
N ASP D 61 5.93 -31.68 -18.74
CA ASP D 61 7.09 -31.71 -19.61
C ASP D 61 7.55 -30.29 -19.92
N ASN D 62 8.67 -29.91 -19.31
CA ASN D 62 9.15 -28.54 -19.43
C ASN D 62 10.07 -28.30 -20.62
N SER D 63 10.18 -29.26 -21.53
CA SER D 63 11.21 -29.21 -22.57
C SER D 63 11.01 -28.06 -23.55
N ASP D 64 9.83 -27.43 -23.54
CA ASP D 64 9.65 -26.26 -24.39
C ASP D 64 9.67 -24.95 -23.58
N ILE D 65 9.85 -25.07 -22.27
CA ILE D 65 9.81 -23.89 -21.41
C ILE D 65 11.11 -23.09 -21.45
N ILE D 66 11.02 -21.82 -21.84
CA ILE D 66 12.06 -20.84 -21.54
C ILE D 66 11.89 -20.38 -20.09
N PRO D 67 12.86 -20.69 -19.21
CA PRO D 67 12.75 -20.31 -17.79
C PRO D 67 12.44 -18.83 -17.59
N THR D 68 11.58 -18.51 -16.62
CA THR D 68 11.24 -17.12 -16.35
C THR D 68 12.51 -16.36 -15.95
N ASP D 69 13.43 -17.04 -15.28
CA ASP D 69 14.73 -16.46 -14.98
C ASP D 69 15.46 -16.03 -16.27
N THR D 70 15.29 -16.79 -17.34
CA THR D 70 15.91 -16.44 -18.62
C THR D 70 15.23 -15.24 -19.24
N ILE D 71 13.90 -15.20 -19.14
CA ILE D 71 13.17 -14.01 -19.58
C ILE D 71 13.69 -12.78 -18.83
N LYS D 72 13.81 -12.87 -17.51
CA LYS D 72 14.37 -11.78 -16.71
C LYS D 72 15.78 -11.39 -17.19
N ASN D 73 16.68 -12.35 -17.29
CA ASN D 73 18.01 -12.08 -17.84
C ASN D 73 17.97 -11.38 -19.19
N THR D 74 17.08 -11.86 -20.06
CA THR D 74 16.95 -11.28 -21.38
C THR D 74 16.52 -9.81 -21.34
N VAL D 75 15.58 -9.46 -20.46
CA VAL D 75 15.18 -8.07 -20.34
C VAL D 75 16.36 -7.23 -19.92
N HIS D 76 17.16 -7.73 -18.98
CA HIS D 76 18.36 -7.00 -18.53
C HIS D 76 19.35 -6.81 -19.68
N VAL D 77 19.55 -7.87 -20.46
CA VAL D 77 20.51 -7.80 -21.56
C VAL D 77 20.05 -6.82 -22.63
N LEU D 78 18.78 -6.92 -23.02
CA LEU D 78 18.23 -6.05 -24.05
C LEU D 78 18.31 -4.59 -23.64
N ALA D 79 18.12 -4.31 -22.36
CA ALA D 79 18.28 -2.94 -21.90
C ALA D 79 19.72 -2.49 -22.08
N LYS D 80 20.66 -3.42 -21.99
CA LYS D 80 22.07 -3.12 -22.14
C LYS D 80 22.44 -2.93 -23.62
N PHE D 81 22.06 -3.89 -24.47
CA PHE D 81 22.34 -3.84 -25.90
C PHE D 81 21.62 -2.73 -26.66
N LYS D 82 20.30 -2.62 -26.51
CA LYS D 82 19.53 -1.61 -27.26
C LYS D 82 19.16 -0.41 -26.42
N GLY D 83 19.54 -0.43 -25.16
CA GLY D 83 19.22 0.67 -24.27
C GLY D 83 17.72 0.77 -24.19
N ILE D 84 17.23 1.89 -23.68
CA ILE D 84 15.80 2.08 -23.67
C ILE D 84 15.53 3.57 -23.76
N LYS D 85 15.38 4.06 -24.99
CA LYS D 85 15.16 5.49 -25.17
C LYS D 85 13.66 5.75 -25.23
N SER D 86 12.92 4.76 -25.71
CA SER D 86 11.48 4.75 -25.57
C SER D 86 11.09 3.45 -24.86
N ILE D 87 10.19 3.50 -23.88
CA ILE D 87 9.75 2.26 -23.25
C ILE D 87 8.98 1.40 -24.27
N GLU D 88 8.29 2.06 -25.20
CA GLU D 88 7.60 1.36 -26.28
C GLU D 88 8.58 0.59 -27.18
N ALA D 89 9.68 1.27 -27.52
CA ALA D 89 10.76 0.67 -28.30
C ALA D 89 11.27 -0.56 -27.58
N PHE D 90 11.53 -0.37 -26.28
CA PHE D 90 12.06 -1.42 -25.41
C PHE D 90 11.19 -2.66 -25.47
N ALA D 91 9.90 -2.42 -25.29
CA ALA D 91 8.92 -3.48 -25.27
C ALA D 91 8.82 -4.16 -26.65
N MET D 92 8.95 -3.37 -27.72
CA MET D 92 8.96 -3.95 -29.07
C MET D 92 10.16 -4.87 -29.24
N ASN D 93 11.34 -4.36 -28.88
CA ASN D 93 12.56 -5.17 -28.90
C ASN D 93 12.40 -6.46 -28.10
N ILE D 94 11.82 -6.36 -26.90
CA ILE D 94 11.63 -7.58 -26.11
C ILE D 94 10.71 -8.57 -26.84
N CYS D 95 9.59 -8.09 -27.36
CA CYS D 95 8.66 -8.95 -28.13
C CYS D 95 9.32 -9.62 -29.30
N GLU D 96 9.96 -8.81 -30.12
CA GLU D 96 10.56 -9.36 -31.33
C GLU D 96 11.65 -10.37 -30.95
N HIS D 97 12.38 -10.12 -29.87
CA HIS D 97 13.43 -11.06 -29.47
C HIS D 97 12.87 -12.46 -29.23
N PHE D 98 11.73 -12.55 -28.53
CA PHE D 98 11.24 -13.89 -28.18
C PHE D 98 10.53 -14.60 -29.32
N LEU D 99 9.97 -13.83 -30.25
CA LEU D 99 9.30 -14.39 -31.41
C LEU D 99 10.32 -14.91 -32.45
N SER D 100 11.40 -14.16 -32.63
CA SER D 100 12.49 -14.54 -33.54
C SER D 100 13.34 -15.72 -33.04
N SER D 101 13.66 -15.70 -31.76
CA SER D 101 14.61 -16.67 -31.19
C SER D 101 14.00 -18.03 -30.87
N PHE D 102 12.69 -18.09 -30.76
CA PHE D 102 12.03 -19.32 -30.39
C PHE D 102 10.83 -19.49 -31.29
N ASN D 103 10.84 -20.52 -32.10
CA ASN D 103 9.77 -20.62 -33.06
C ASN D 103 8.46 -21.15 -32.48
N HIS D 104 8.52 -21.84 -31.34
CA HIS D 104 7.28 -22.34 -30.73
C HIS D 104 6.63 -21.31 -29.79
N VAL D 105 7.23 -20.11 -29.72
CA VAL D 105 6.61 -18.99 -29.05
C VAL D 105 5.68 -18.29 -30.03
N ILE D 106 4.37 -18.40 -29.80
CA ILE D 106 3.41 -17.86 -30.76
C ILE D 106 2.85 -16.48 -30.42
N ARG D 107 3.00 -16.05 -29.17
CA ARG D 107 2.62 -14.69 -28.76
C ARG D 107 3.52 -14.14 -27.66
N ALA D 108 3.85 -12.86 -27.77
CA ALA D 108 4.56 -12.17 -26.72
C ALA D 108 3.83 -10.91 -26.30
N GLN D 109 3.78 -10.68 -24.99
CA GLN D 109 3.19 -9.45 -24.47
C GLN D 109 4.07 -8.84 -23.39
N VAL D 110 4.31 -7.55 -23.51
CA VAL D 110 5.15 -6.84 -22.59
C VAL D 110 4.48 -5.60 -22.06
N TYR D 111 4.49 -5.44 -20.74
CA TYR D 111 4.02 -4.22 -20.13
C TYR D 111 5.21 -3.54 -19.49
N VAL D 112 5.31 -2.23 -19.69
CA VAL D 112 6.40 -1.45 -19.15
C VAL D 112 5.87 -0.19 -18.45
N GLU D 113 6.35 0.08 -17.25
CA GLU D 113 5.96 1.30 -16.57
C GLU D 113 7.23 2.07 -16.22
N GLU D 114 7.25 3.37 -16.49
CA GLU D 114 8.43 4.19 -16.27
C GLU D 114 8.36 4.96 -14.96
N VAL D 115 9.38 4.85 -14.13
CA VAL D 115 9.41 5.61 -12.89
C VAL D 115 9.49 7.08 -13.25
N PRO D 116 8.58 7.91 -12.72
CA PRO D 116 8.57 9.32 -13.11
C PRO D 116 9.70 10.13 -12.48
N TRP D 117 10.94 9.72 -12.75
CA TRP D 117 12.07 10.53 -12.33
C TRP D 117 12.14 11.84 -13.12
N LYS D 118 12.46 12.92 -12.43
CA LYS D 118 12.69 14.20 -13.07
C LYS D 118 14.00 14.83 -12.64
N ARG D 119 14.73 15.35 -13.63
CA ARG D 119 15.95 16.10 -13.38
C ARG D 119 15.73 17.24 -12.40
N PHE D 120 16.57 17.35 -11.38
CA PHE D 120 16.58 18.54 -10.51
C PHE D 120 16.47 19.83 -11.31
N GLU D 121 15.70 20.80 -10.83
CA GLU D 121 15.61 22.06 -11.54
C GLU D 121 15.48 23.16 -10.51
N LYS D 122 16.25 24.22 -10.68
CA LYS D 122 16.20 25.37 -9.79
C LYS D 122 16.55 26.64 -10.55
N ASN D 123 15.73 27.68 -10.42
CA ASN D 123 16.02 28.96 -11.05
C ASN D 123 16.31 28.77 -12.54
N GLY D 124 15.66 27.81 -13.17
CA GLY D 124 15.82 27.59 -14.60
C GLY D 124 16.90 26.62 -15.10
N VAL D 125 17.79 26.18 -14.21
CA VAL D 125 18.84 25.22 -14.62
C VAL D 125 18.65 23.73 -14.20
N LYS D 126 18.77 22.84 -15.18
CA LYS D 126 18.71 21.41 -14.90
C LYS D 126 20.08 20.84 -14.45
N HIS D 127 20.08 20.05 -13.37
CA HIS D 127 21.26 19.38 -12.82
C HIS D 127 21.79 18.30 -13.76
N VAL D 128 23.11 18.10 -13.77
CA VAL D 128 23.72 17.14 -14.72
C VAL D 128 23.47 15.68 -14.34
N HIS D 129 23.28 15.41 -13.05
CA HIS D 129 23.11 14.01 -12.63
C HIS D 129 22.28 13.79 -11.34
N ALA D 130 21.42 14.74 -10.99
CA ALA D 130 20.50 14.56 -9.86
C ALA D 130 19.03 14.56 -10.33
N PHE D 131 18.22 13.68 -9.73
CA PHE D 131 16.82 13.49 -10.14
C PHE D 131 15.90 13.42 -8.93
N ILE D 132 14.67 13.92 -9.10
CA ILE D 132 13.71 13.92 -8.01
C ILE D 132 12.47 13.16 -8.47
N HIS D 133 11.94 12.29 -7.62
CA HIS D 133 10.81 11.45 -8.01
C HIS D 133 9.56 12.32 -8.06
N THR D 134 8.94 12.38 -9.25
CA THR D 134 7.89 13.37 -9.49
C THR D 134 6.66 12.77 -10.19
N PRO D 135 5.79 12.12 -9.41
CA PRO D 135 4.65 11.42 -10.00
C PRO D 135 3.52 12.40 -10.34
N THR D 136 3.68 13.07 -11.48
CA THR D 136 2.72 14.07 -11.97
C THR D 136 2.17 13.58 -13.28
N GLY D 137 1.99 12.26 -13.35
CA GLY D 137 1.65 11.60 -14.59
C GLY D 137 2.75 10.61 -14.90
N THR D 138 2.36 9.36 -15.11
CA THR D 138 3.31 8.28 -15.27
C THR D 138 3.12 7.61 -16.59
N HIS D 139 4.21 7.50 -17.33
CA HIS D 139 4.18 6.91 -18.64
C HIS D 139 4.24 5.38 -18.54
N PHE D 140 3.30 4.69 -19.19
CA PHE D 140 3.35 3.23 -19.31
C PHE D 140 3.02 2.83 -20.73
N CYS D 141 3.23 1.56 -21.09
CA CYS D 141 2.90 1.08 -22.42
C CYS D 141 2.69 -0.42 -22.41
N GLU D 142 1.98 -0.91 -23.41
CA GLU D 142 1.70 -2.32 -23.55
C GLU D 142 1.89 -2.66 -25.02
N VAL D 143 2.72 -3.65 -25.30
CA VAL D 143 2.94 -4.10 -26.65
C VAL D 143 2.61 -5.57 -26.71
N GLU D 144 1.80 -5.96 -27.69
CA GLU D 144 1.48 -7.36 -27.89
C GLU D 144 1.76 -7.73 -29.36
N GLN D 145 2.20 -8.96 -29.59
CA GLN D 145 2.61 -9.35 -30.95
C GLN D 145 2.44 -10.84 -31.14
N MET D 146 1.75 -11.19 -32.22
CA MET D 146 1.58 -12.58 -32.61
C MET D 146 2.72 -13.03 -33.51
N LYS D 147 2.95 -14.34 -33.56
CA LYS D 147 3.99 -14.88 -34.44
C LYS D 147 3.71 -14.50 -35.89
N SER D 148 4.65 -13.77 -36.49
CA SER D 148 4.56 -13.38 -37.90
C SER D 148 3.44 -12.37 -38.16
N GLY D 149 3.01 -11.66 -37.11
CA GLY D 149 2.14 -10.52 -37.28
C GLY D 149 2.88 -9.32 -36.74
N PRO D 150 2.42 -8.11 -37.05
CA PRO D 150 3.10 -6.97 -36.44
C PRO D 150 2.66 -6.83 -34.98
N PRO D 151 3.32 -5.92 -34.23
CA PRO D 151 3.06 -5.57 -32.84
C PRO D 151 2.02 -4.46 -32.69
N VAL D 152 1.08 -4.65 -31.77
CA VAL D 152 0.18 -3.57 -31.40
C VAL D 152 0.72 -2.83 -30.19
N ILE D 153 0.83 -1.52 -30.33
CA ILE D 153 1.37 -0.66 -29.30
C ILE D 153 0.31 0.21 -28.62
N HIS D 154 0.14 0.03 -27.32
CA HIS D 154 -0.59 1.00 -26.51
C HIS D 154 0.38 1.82 -25.67
N SER D 155 0.14 3.12 -25.56
CA SER D 155 0.83 3.95 -24.59
C SER D 155 -0.24 4.49 -23.62
N GLY D 156 0.19 5.13 -22.53
CA GLY D 156 -0.75 5.55 -21.52
C GLY D 156 -0.20 6.51 -20.50
N ILE D 157 -1.13 7.19 -19.83
CA ILE D 157 -0.85 7.97 -18.64
C ILE D 157 -1.57 7.29 -17.47
N LYS D 158 -0.94 7.27 -16.30
CA LYS D 158 -1.63 6.80 -15.10
C LYS D 158 -1.14 7.62 -13.94
N ASP D 159 -1.79 7.50 -12.78
CA ASP D 159 -1.32 8.14 -11.54
C ASP D 159 -1.15 9.64 -11.61
N LEU D 160 -1.98 10.30 -12.42
CA LEU D 160 -1.99 11.75 -12.49
C LEU D 160 -3.16 12.29 -11.70
N LYS D 161 -2.88 12.87 -10.54
CA LYS D 161 -3.93 13.31 -9.64
C LYS D 161 -4.10 14.83 -9.63
N VAL D 162 -5.31 15.26 -9.94
CA VAL D 162 -5.63 16.68 -10.08
C VAL D 162 -6.96 17.09 -9.42
N LEU D 163 -7.01 18.34 -8.98
CA LEU D 163 -8.17 18.87 -8.30
C LEU D 163 -8.43 20.32 -8.73
N LYS D 164 -9.64 20.64 -9.16
CA LYS D 164 -9.98 22.04 -9.31
C LYS D 164 -11.16 22.38 -8.40
N THR D 165 -11.13 23.57 -7.81
CA THR D 165 -12.06 23.88 -6.75
C THR D 165 -13.34 24.54 -7.25
N THR D 166 -13.54 24.54 -8.55
CA THR D 166 -14.72 25.12 -9.16
C THR D 166 -14.76 24.90 -10.66
N GLN D 167 -15.67 25.60 -11.34
CA GLN D 167 -15.91 25.42 -12.76
C GLN D 167 -16.30 23.97 -13.05
N SER D 168 -16.98 23.36 -12.08
CA SER D 168 -17.55 22.03 -12.25
C SER D 168 -18.95 21.99 -11.61
N GLY D 169 -19.88 21.35 -12.30
CA GLY D 169 -21.23 21.20 -11.78
C GLY D 169 -21.88 19.90 -12.19
N PHE D 170 -22.99 19.58 -11.53
CA PHE D 170 -23.70 18.35 -11.83
C PHE D 170 -25.18 18.52 -11.55
N GLU D 171 -25.97 18.55 -12.60
CA GLU D 171 -27.39 18.80 -12.49
C GLU D 171 -28.14 18.22 -13.67
N GLY D 172 -29.46 18.21 -13.57
CA GLY D 172 -30.31 17.75 -14.64
C GLY D 172 -30.35 16.25 -14.70
N PHE D 173 -30.04 15.60 -13.59
CA PHE D 173 -30.01 14.15 -13.58
C PHE D 173 -31.35 13.54 -13.15
N ILE D 174 -31.51 12.25 -13.39
CA ILE D 174 -32.67 11.51 -12.92
C ILE D 174 -32.79 11.49 -11.40
N LYS D 175 -33.97 11.75 -10.88
CA LYS D 175 -34.21 11.70 -9.43
C LYS D 175 -35.25 10.63 -9.09
N ASP D 176 -34.81 9.40 -8.79
CA ASP D 176 -35.74 8.35 -8.36
C ASP D 176 -35.88 8.29 -6.83
N GLN D 177 -36.41 7.18 -6.30
CA GLN D 177 -36.72 7.08 -4.87
C GLN D 177 -35.48 6.91 -4.02
N PHE D 178 -34.34 6.78 -4.69
CA PHE D 178 -33.09 6.54 -3.99
C PHE D 178 -32.11 7.69 -4.17
N THR D 179 -32.59 8.75 -4.79
CA THR D 179 -31.76 9.90 -5.11
C THR D 179 -31.90 11.00 -4.06
N THR D 180 -30.85 11.18 -3.25
CA THR D 180 -30.81 12.27 -2.26
C THR D 180 -29.83 13.37 -2.68
N LEU D 181 -29.14 13.15 -3.80
CA LEU D 181 -28.16 14.09 -4.31
C LEU D 181 -28.78 15.40 -4.78
N PRO D 182 -28.43 16.50 -4.10
CA PRO D 182 -28.87 17.82 -4.59
C PRO D 182 -28.17 18.18 -5.88
N GLU D 183 -28.89 18.82 -6.79
CA GLU D 183 -28.27 19.35 -8.00
C GLU D 183 -27.29 20.46 -7.64
N VAL D 184 -26.26 20.65 -8.45
CA VAL D 184 -25.26 21.63 -8.08
C VAL D 184 -24.67 22.31 -9.31
N LYS D 185 -24.30 23.58 -9.17
CA LYS D 185 -23.71 24.32 -10.28
C LYS D 185 -22.23 24.50 -10.02
N ASP D 186 -21.85 24.35 -8.75
CA ASP D 186 -20.45 24.40 -8.38
C ASP D 186 -20.08 23.25 -7.43
N ARG D 187 -18.94 22.62 -7.67
CA ARG D 187 -18.38 21.57 -6.81
C ARG D 187 -16.89 21.42 -7.07
N CYS D 188 -16.16 20.77 -6.15
CA CYS D 188 -14.80 20.36 -6.42
C CYS D 188 -14.80 19.23 -7.42
N PHE D 189 -13.85 19.25 -8.34
CA PHE D 189 -13.62 18.09 -9.18
C PHE D 189 -12.18 17.59 -9.00
N ALA D 190 -12.05 16.36 -8.49
CA ALA D 190 -10.75 15.71 -8.31
C ALA D 190 -10.75 14.33 -8.95
N THR D 191 -9.64 13.98 -9.57
CA THR D 191 -9.58 12.71 -10.27
C THR D 191 -8.16 12.18 -10.36
N GLN D 192 -8.05 10.93 -10.79
CA GLN D 192 -6.76 10.37 -11.05
C GLN D 192 -6.80 9.79 -12.45
N VAL D 193 -6.14 10.46 -13.38
CA VAL D 193 -6.33 10.10 -14.77
C VAL D 193 -5.73 8.76 -15.14
N TYR D 194 -6.53 7.94 -15.80
CA TYR D 194 -6.03 6.79 -16.49
C TYR D 194 -6.40 6.90 -17.94
N CYS D 195 -5.39 6.88 -18.81
CA CYS D 195 -5.60 7.18 -20.22
C CYS D 195 -4.73 6.28 -21.07
N LYS D 196 -5.34 5.44 -21.90
CA LYS D 196 -4.59 4.47 -22.70
C LYS D 196 -5.01 4.48 -24.18
N TRP D 197 -4.06 4.70 -25.08
CA TRP D 197 -4.37 4.78 -26.51
C TRP D 197 -3.63 3.78 -27.40
N ARG D 198 -4.30 3.26 -28.43
CA ARG D 198 -3.64 2.40 -29.41
C ARG D 198 -3.07 3.22 -30.58
N TYR D 199 -1.98 2.77 -31.18
CA TYR D 199 -1.46 3.44 -32.36
C TYR D 199 -1.92 2.72 -33.62
N HIS D 200 -1.99 3.45 -34.72
CA HIS D 200 -2.38 2.89 -36.00
C HIS D 200 -1.33 1.91 -36.56
N GLN D 201 -0.26 2.48 -37.09
CA GLN D 201 0.73 1.73 -37.88
C GLN D 201 1.56 2.67 -38.75
N GLY D 202 2.16 2.11 -39.79
CA GLY D 202 2.97 2.88 -40.72
C GLY D 202 4.09 3.70 -40.10
N ARG D 203 4.21 3.64 -38.77
CA ARG D 203 5.21 4.36 -37.94
C ARG D 203 5.08 5.89 -37.91
N ASP D 204 6.24 6.56 -37.86
CA ASP D 204 6.40 8.02 -37.87
C ASP D 204 5.92 8.56 -36.51
N VAL D 205 6.14 7.79 -35.44
CA VAL D 205 5.66 8.19 -34.13
C VAL D 205 6.79 8.49 -33.17
N ASP D 206 6.79 9.70 -32.62
CA ASP D 206 7.68 10.05 -31.52
C ASP D 206 7.03 9.79 -30.16
N PHE D 207 6.90 8.52 -29.81
CA PHE D 207 6.27 8.07 -28.57
C PHE D 207 6.34 9.04 -27.39
N GLU D 208 7.54 9.52 -27.07
CA GLU D 208 7.70 10.45 -25.93
C GLU D 208 7.11 11.82 -26.23
N ALA D 209 7.16 12.24 -27.49
CA ALA D 209 6.60 13.53 -27.87
C ALA D 209 5.08 13.46 -27.80
N THR D 210 4.50 12.37 -28.29
CA THR D 210 3.07 12.17 -28.18
C THR D 210 2.59 12.23 -26.75
N TRP D 211 3.29 11.49 -25.90
CA TRP D 211 2.88 11.36 -24.52
C TRP D 211 2.76 12.73 -23.87
N ASP D 212 3.76 13.59 -24.02
CA ASP D 212 3.71 14.92 -23.40
C ASP D 212 2.50 15.75 -23.87
N THR D 213 2.08 15.55 -25.12
CA THR D 213 1.01 16.36 -25.67
C THR D 213 -0.36 15.88 -25.18
N VAL D 214 -0.63 14.57 -25.23
CA VAL D 214 -1.84 14.04 -24.64
C VAL D 214 -1.99 14.50 -23.18
N ARG D 215 -0.90 14.45 -22.44
CA ARG D 215 -0.89 14.93 -21.06
C ARG D 215 -1.24 16.41 -21.06
N ASP D 216 -0.72 17.11 -22.07
CA ASP D 216 -0.92 18.53 -22.21
C ASP D 216 -2.41 18.79 -22.46
N ILE D 217 -2.98 18.00 -23.35
CA ILE D 217 -4.39 18.04 -23.67
C ILE D 217 -5.26 17.74 -22.47
N VAL D 218 -5.06 16.56 -21.89
CA VAL D 218 -5.76 16.14 -20.68
C VAL D 218 -5.81 17.25 -19.66
N LEU D 219 -4.65 17.84 -19.37
CA LEU D 219 -4.58 18.88 -18.37
C LEU D 219 -5.26 20.19 -18.82
N LYS D 220 -5.36 20.37 -20.14
CA LYS D 220 -6.04 21.52 -20.72
C LYS D 220 -7.56 21.38 -20.59
N LYS D 221 -8.10 20.28 -21.10
CA LYS D 221 -9.53 19.97 -20.99
C LYS D 221 -10.02 19.87 -19.57
N PHE D 222 -9.10 19.70 -18.62
CA PHE D 222 -9.50 19.57 -17.23
C PHE D 222 -9.60 20.91 -16.50
N ALA D 223 -8.63 21.81 -16.72
CA ALA D 223 -8.55 23.05 -15.93
C ALA D 223 -8.89 24.31 -16.74
N GLY D 224 -8.91 24.14 -18.06
CA GLY D 224 -9.14 25.24 -18.98
C GLY D 224 -8.17 26.40 -18.83
N PRO D 225 -8.42 27.49 -19.58
CA PRO D 225 -7.60 28.69 -19.58
C PRO D 225 -7.24 29.13 -18.19
N TYR D 226 -6.00 29.53 -17.99
CA TYR D 226 -5.56 29.92 -16.66
C TYR D 226 -6.33 31.20 -16.41
N ASP D 227 -6.27 31.75 -15.20
CA ASP D 227 -6.99 33.01 -14.92
C ASP D 227 -8.54 32.93 -14.90
N LYS D 228 -9.16 32.10 -15.74
CA LYS D 228 -10.64 32.03 -15.76
C LYS D 228 -11.15 30.61 -15.53
N GLY D 229 -10.50 29.65 -16.16
CA GLY D 229 -10.89 28.27 -15.99
C GLY D 229 -11.93 28.00 -17.04
N GLU D 230 -12.54 26.82 -16.96
CA GLU D 230 -13.61 26.43 -17.87
C GLU D 230 -14.59 25.46 -17.21
N TYR D 231 -15.88 25.78 -17.28
CA TYR D 231 -16.91 24.97 -16.62
C TYR D 231 -17.08 23.57 -17.25
N SER D 232 -17.15 22.58 -16.37
CA SER D 232 -17.46 21.21 -16.74
C SER D 232 -18.80 20.78 -16.15
N PRO D 233 -19.71 20.32 -17.00
CA PRO D 233 -21.07 19.97 -16.58
C PRO D 233 -21.23 18.50 -16.23
N SER D 234 -20.16 17.73 -16.47
CA SER D 234 -20.21 16.29 -16.35
C SER D 234 -18.80 15.74 -16.48
N VAL D 235 -18.49 14.72 -15.69
CA VAL D 235 -17.20 14.08 -15.90
C VAL D 235 -17.20 13.42 -17.28
N GLN D 236 -18.34 12.85 -17.68
CA GLN D 236 -18.50 12.22 -19.00
C GLN D 236 -18.13 13.16 -20.15
N LYS D 237 -18.50 14.43 -20.02
CA LYS D 237 -18.21 15.41 -21.06
C LYS D 237 -16.72 15.71 -21.13
N THR D 238 -16.13 16.00 -19.97
CA THR D 238 -14.70 16.24 -19.88
C THR D 238 -13.87 15.10 -20.49
N LEU D 239 -14.32 13.88 -20.23
CA LEU D 239 -13.70 12.67 -20.77
C LEU D 239 -13.74 12.60 -22.30
N TYR D 240 -14.92 12.77 -22.87
CA TYR D 240 -15.09 12.71 -24.31
C TYR D 240 -14.30 13.81 -25.06
N ASP D 241 -14.28 15.02 -24.50
CA ASP D 241 -13.57 16.14 -25.10
C ASP D 241 -12.09 15.81 -25.26
N ILE D 242 -11.49 15.29 -24.19
CA ILE D 242 -10.08 14.91 -24.20
C ILE D 242 -9.82 13.92 -25.31
N GLN D 243 -10.66 12.89 -25.38
CA GLN D 243 -10.60 11.89 -26.43
C GLN D 243 -10.66 12.51 -27.84
N VAL D 244 -11.60 13.42 -28.05
CA VAL D 244 -11.80 14.01 -29.38
C VAL D 244 -10.63 14.91 -29.74
N LEU D 245 -10.25 15.77 -28.80
CA LEU D 245 -9.16 16.70 -29.02
C LEU D 245 -7.82 15.99 -29.26
N SER D 246 -7.73 14.73 -28.80
CA SER D 246 -6.48 13.97 -28.85
C SER D 246 -6.37 13.24 -30.17
N LEU D 247 -7.47 12.62 -30.58
CA LEU D 247 -7.53 11.97 -31.89
C LEU D 247 -7.42 13.02 -33.02
N SER D 248 -7.69 14.29 -32.69
CA SER D 248 -7.56 15.36 -33.67
C SER D 248 -6.10 15.82 -33.82
N ARG D 249 -5.52 16.29 -32.73
CA ARG D 249 -4.15 16.77 -32.73
C ARG D 249 -3.09 15.71 -32.98
N VAL D 250 -3.50 14.44 -32.97
CA VAL D 250 -2.57 13.31 -33.04
C VAL D 250 -3.11 12.22 -33.93
N PRO D 251 -2.70 12.25 -35.20
CA PRO D 251 -3.21 11.43 -36.30
C PRO D 251 -2.92 9.94 -36.17
N GLU D 252 -1.78 9.58 -35.59
CA GLU D 252 -1.33 8.19 -35.55
C GLU D 252 -2.05 7.35 -34.47
N ILE D 253 -2.73 8.02 -33.54
CA ILE D 253 -3.60 7.35 -32.56
C ILE D 253 -4.88 6.82 -33.18
N GLU D 254 -5.15 5.54 -32.94
CA GLU D 254 -6.31 4.84 -33.49
C GLU D 254 -7.47 4.69 -32.52
N ASP D 255 -7.19 4.57 -31.22
CA ASP D 255 -8.27 4.65 -30.22
C ASP D 255 -7.77 5.13 -28.85
N MET D 256 -8.72 5.49 -28.00
CA MET D 256 -8.37 5.95 -26.67
C MET D 256 -9.38 5.47 -25.64
N GLU D 257 -8.86 4.86 -24.58
CA GLU D 257 -9.64 4.46 -23.42
C GLU D 257 -9.33 5.39 -22.28
N ILE D 258 -10.36 5.89 -21.61
CA ILE D 258 -10.15 6.75 -20.46
C ILE D 258 -10.93 6.25 -19.25
N SER D 259 -10.39 6.51 -18.07
CA SER D 259 -11.05 6.14 -16.83
C SER D 259 -10.82 7.28 -15.87
N LEU D 260 -11.90 7.94 -15.48
CA LEU D 260 -11.79 9.05 -14.56
C LEU D 260 -12.53 8.74 -13.28
N PRO D 261 -11.80 8.47 -12.19
CA PRO D 261 -12.46 8.43 -10.89
C PRO D 261 -13.00 9.81 -10.57
N ASN D 262 -14.10 9.86 -9.86
CA ASN D 262 -14.61 11.12 -9.34
C ASN D 262 -14.44 11.03 -7.84
N ILE D 263 -13.34 11.59 -7.35
CA ILE D 263 -12.94 11.48 -5.96
C ILE D 263 -13.58 12.58 -5.16
N HIS D 264 -14.39 12.20 -4.17
CA HIS D 264 -15.33 13.14 -3.57
C HIS D 264 -14.74 13.99 -2.50
N TYR D 265 -15.06 15.29 -2.56
CA TYR D 265 -14.78 16.22 -1.49
C TYR D 265 -16.13 16.83 -1.08
N PHE D 266 -16.73 16.33 -0.02
CA PHE D 266 -18.08 16.72 0.31
C PHE D 266 -18.09 17.84 1.31
N ASN D 267 -19.02 18.78 1.15
CA ASN D 267 -19.20 19.83 2.14
C ASN D 267 -19.51 19.22 3.50
N ILE D 268 -18.83 19.66 4.54
CA ILE D 268 -19.12 19.17 5.87
C ILE D 268 -20.28 19.98 6.47
N ASP D 269 -21.44 19.34 6.62
CA ASP D 269 -22.62 20.02 7.16
C ASP D 269 -22.48 20.26 8.66
N MET D 270 -22.43 21.52 9.06
CA MET D 270 -22.26 21.85 10.48
C MET D 270 -23.53 22.33 11.16
N SER D 271 -24.68 22.14 10.49
CA SER D 271 -25.99 22.52 11.03
C SER D 271 -26.16 22.10 12.48
N LYS D 272 -25.95 20.82 12.75
CA LYS D 272 -26.15 20.25 14.08
C LYS D 272 -25.34 20.97 15.14
N MET D 273 -24.41 21.84 14.75
CA MET D 273 -23.65 22.61 15.71
C MET D 273 -24.00 24.09 15.61
N GLY D 274 -24.96 24.41 14.76
CA GLY D 274 -25.40 25.79 14.63
C GLY D 274 -24.40 26.58 13.82
N LEU D 275 -23.69 25.91 12.91
CA LEU D 275 -22.71 26.61 12.09
C LEU D 275 -23.10 26.48 10.62
N ILE D 276 -22.65 27.41 9.80
CA ILE D 276 -22.89 27.36 8.37
C ILE D 276 -21.58 27.21 7.61
N ASN D 277 -21.40 26.08 6.93
CA ASN D 277 -20.16 25.85 6.22
C ASN D 277 -20.33 26.26 4.77
N LYS D 278 -20.88 25.38 3.94
CA LYS D 278 -20.96 25.61 2.48
C LYS D 278 -20.21 26.86 1.98
N GLU D 279 -18.99 26.73 1.45
CA GLU D 279 -18.29 25.45 1.25
C GLU D 279 -16.78 25.63 1.45
N GLU D 280 -16.34 25.76 2.69
CA GLU D 280 -14.96 26.13 2.95
C GLU D 280 -14.18 24.97 3.60
N VAL D 281 -14.87 24.14 4.35
CA VAL D 281 -14.28 22.95 4.88
C VAL D 281 -14.94 21.76 4.19
N LEU D 282 -14.14 20.98 3.45
CA LEU D 282 -14.65 19.80 2.75
C LEU D 282 -14.02 18.51 3.30
N LEU D 283 -14.75 17.41 3.19
CA LEU D 283 -14.24 16.10 3.62
C LEU D 283 -13.75 15.34 2.39
N PRO D 284 -12.43 15.10 2.31
CA PRO D 284 -11.90 14.18 1.29
C PRO D 284 -12.24 12.72 1.65
N LEU D 285 -12.97 12.05 0.77
CA LEU D 285 -13.34 10.63 0.92
C LEU D 285 -12.43 9.72 0.13
N ASP D 286 -11.85 8.74 0.81
CA ASP D 286 -11.07 7.68 0.16
C ASP D 286 -11.98 6.77 -0.66
N ASN D 287 -13.16 6.52 -0.13
CA ASN D 287 -14.18 5.77 -0.82
C ASN D 287 -15.56 6.05 -0.23
N PRO D 288 -16.60 5.74 -0.99
CA PRO D 288 -16.49 5.25 -2.36
C PRO D 288 -16.10 6.40 -3.27
N TYR D 289 -15.98 6.11 -4.57
CA TYR D 289 -15.77 7.17 -5.55
C TYR D 289 -16.46 6.82 -6.83
N GLY D 290 -16.85 7.83 -7.60
CA GLY D 290 -17.41 7.59 -8.90
C GLY D 290 -16.32 7.15 -9.87
N LYS D 291 -16.73 6.40 -10.89
CA LYS D 291 -15.81 6.01 -11.95
C LYS D 291 -16.48 6.08 -13.30
N ILE D 292 -16.06 7.06 -14.09
CA ILE D 292 -16.60 7.29 -15.42
C ILE D 292 -15.63 6.82 -16.48
N THR D 293 -16.05 5.89 -17.33
CA THR D 293 -15.14 5.35 -18.33
C THR D 293 -15.72 5.39 -19.75
N GLY D 294 -14.84 5.40 -20.74
CA GLY D 294 -15.23 5.29 -22.13
C GLY D 294 -14.08 5.07 -23.11
N THR D 295 -14.37 4.35 -24.18
CA THR D 295 -13.42 4.13 -25.27
C THR D 295 -13.99 4.56 -26.61
N VAL D 296 -13.32 5.50 -27.26
CA VAL D 296 -13.69 5.87 -28.63
C VAL D 296 -12.62 5.39 -29.61
N LYS D 297 -13.02 5.03 -30.83
CA LYS D 297 -12.07 4.65 -31.88
C LYS D 297 -12.21 5.57 -33.08
N ARG D 298 -11.18 5.61 -33.93
CA ARG D 298 -11.23 6.51 -35.08
C ARG D 298 -12.06 5.86 -36.18
N LYS D 299 -12.95 6.66 -36.78
CA LYS D 299 -13.64 6.28 -38.01
C LYS D 299 -14.18 7.55 -38.63
N LEU D 300 -14.89 8.30 -37.79
CA LEU D 300 -15.55 9.56 -38.15
C LEU D 300 -15.02 10.63 -37.17
N SER D 301 -15.33 11.90 -37.46
CA SER D 301 -15.09 13.01 -36.54
C SER D 301 -13.64 13.50 -36.36
N SER D 302 -13.52 14.75 -35.95
CA SER D 302 -12.23 15.39 -35.64
C SER D 302 -12.55 16.70 -34.94
N ARG D 303 -11.75 17.74 -35.21
CA ARG D 303 -11.99 19.08 -34.67
C ARG D 303 -11.58 19.17 -33.19
C ACT E . 15.40 -0.05 14.04
O ACT E . 14.31 0.17 14.62
OXT ACT E . 15.73 0.77 13.15
CH3 ACT E . 16.25 -1.22 14.43
H1 ACT E . 17.16 -1.23 13.83
H2 ACT E . 15.69 -2.14 14.27
H3 ACT E . 16.52 -1.13 15.49
C ACT F . -21.91 11.76 -11.72
O ACT F . -22.60 11.44 -10.71
OXT ACT F . -21.18 12.79 -11.63
CH3 ACT F . -21.98 10.95 -12.99
C ACT G . -15.80 -2.53 -12.90
O ACT G . -15.73 -1.46 -12.25
OXT ACT G . -16.71 -3.32 -12.56
CH3 ACT G . -14.84 -2.82 -14.02
H1 ACT G . -15.07 -3.79 -14.45
H2 ACT G . -13.82 -2.83 -13.63
H3 ACT G . -14.93 -2.04 -14.79
#